data_6C5K
#
_entry.id   6C5K
#
_cell.length_a   171.649
_cell.length_b   62.710
_cell.length_c   107.071
_cell.angle_alpha   90.00
_cell.angle_beta   116.09
_cell.angle_gamma   90.00
#
_symmetry.space_group_name_H-M   'C 1 2 1'
#
loop_
_entity.id
_entity.type
_entity.pdbx_description
1 polymer 'IgG1 Fab Heavy Chain'
2 polymer 'IgG1 Fab Light Chain (Kappa)'
3 branched 2-acetamido-2-deoxy-beta-D-glucopyranose-(1-4)-[alpha-L-fucopyranose-(1-6)]2-acetamido-2-deoxy-beta-D-glucopyranose
4 branched '3-deoxy-alpha-D-manno-oct-2-ulopyranosonic acid-(2-8)-3-deoxy-alpha-D-manno-oct-2-ulopyranosonic acid-(2-4)-3-deoxy-alpha-D-manno-oct-2-ulopyranosonic acid-(2-6)-2-amino-2-deoxy-4-O-phosphono-beta-D-glucopyranose-(1-6)-2-amino-2-deoxy-1-O-phosphono-alpha-D-glucopyranose'
5 non-polymer 'NITRATE ION'
6 water water
#
loop_
_entity_poly.entity_id
_entity_poly.type
_entity_poly.pdbx_seq_one_letter_code
_entity_poly.pdbx_strand_id
1 'polypeptide(L)'
;(PCA)VQLQESGPGLVQPSQSLSITCTVSGFSLTTYGVHWVRQSPGKGLEWLGVIWSGGTTEYNAAFISRLSISKDNSKS
QVFFKMNSLQTNDTAIYFCVRMRITTDWFAYWGQGTLVTVSAAKTTPPSVYPLAPGSAAQTNSMVTLGCLVKGYFPEPVT
VTWNSGSLSSGVHTFPAVLQSDLYTLSSSVTVPSSTWPSETVTCNVAHPASSTKVDKKIVPR
;
H,A
2 'polypeptide(L)'
;DVLMTQTPLSLPVSLGDQASISCRSSQTIVHKNGNTYLEWYLQKPGQSPKLLIYKVSNRFSGVPDRFSGSGSGTDFTLKI
SRVEAADLGVYYCFQGSHVPYTFGGGTKLEIKRADAAPTVSIFPPSSEQLTSGGASVVCFLNNFYPKDINVKWKIDGSER
QNGVLNSWTDQDSKDSTYSMSSTLTLTKDEYERHNSYTCEATHKTSTSPIVKSFNRNEC
;
L,B
#
# COMPACT_ATOMS: atom_id res chain seq x y z
N VAL A 2 -4.33 -7.53 -10.46
CA VAL A 2 -5.20 -8.69 -10.27
C VAL A 2 -5.95 -8.60 -8.95
N GLN A 3 -7.21 -9.00 -8.96
CA GLN A 3 -7.93 -9.29 -7.74
C GLN A 3 -8.59 -10.66 -7.88
N LEU A 4 -8.57 -11.40 -6.79
CA LEU A 4 -9.21 -12.70 -6.70
C LEU A 4 -10.12 -12.63 -5.47
N GLN A 5 -11.35 -12.19 -5.68
CA GLN A 5 -12.28 -11.97 -4.56
C GLN A 5 -13.08 -13.23 -4.27
N GLU A 6 -13.14 -13.62 -3.01
CA GLU A 6 -13.78 -14.86 -2.61
C GLU A 6 -15.08 -14.61 -1.87
N SER A 7 -16.10 -15.40 -2.17
CA SER A 7 -17.33 -15.42 -1.39
C SER A 7 -17.73 -16.85 -1.08
N GLY A 8 -18.27 -17.04 0.11
CA GLY A 8 -18.71 -18.37 0.57
C GLY A 8 -18.76 -18.40 2.07
N PRO A 9 -19.42 -19.43 2.63
CA PRO A 9 -19.65 -19.48 4.07
C PRO A 9 -18.40 -19.83 4.87
N GLY A 10 -18.24 -19.16 6.00
CA GLY A 10 -17.18 -19.47 6.95
C GLY A 10 -17.46 -20.72 7.74
N LEU A 11 -18.73 -21.00 8.01
CA LEU A 11 -19.09 -22.09 8.91
C LEU A 11 -19.80 -23.21 8.15
N VAL A 12 -19.21 -24.41 8.24
CA VAL A 12 -19.75 -25.59 7.58
C VAL A 12 -20.01 -26.68 8.61
N GLN A 13 -21.21 -27.27 8.56
CA GLN A 13 -21.57 -28.37 9.48
C GLN A 13 -20.82 -29.65 9.13
N PRO A 14 -20.41 -30.45 10.12
CA PRO A 14 -19.69 -31.68 9.78
C PRO A 14 -20.45 -32.55 8.79
N SER A 15 -19.70 -33.20 7.89
CA SER A 15 -20.24 -34.02 6.79
C SER A 15 -20.95 -33.25 5.64
N GLN A 16 -21.17 -31.95 5.79
CA GLN A 16 -21.76 -31.13 4.72
C GLN A 16 -20.66 -30.56 3.82
N SER A 17 -21.04 -29.74 2.84
CA SER A 17 -20.11 -29.29 1.80
C SER A 17 -19.75 -27.80 1.86
N LEU A 18 -18.59 -27.50 1.28
CA LEU A 18 -18.01 -26.16 1.26
C LEU A 18 -18.05 -25.68 -0.18
N SER A 19 -18.70 -24.54 -0.42
CA SER A 19 -18.71 -23.92 -1.75
C SER A 19 -18.13 -22.51 -1.69
N ILE A 20 -17.16 -22.22 -2.57
CA ILE A 20 -16.52 -20.91 -2.63
C ILE A 20 -16.53 -20.45 -4.09
N THR A 21 -16.94 -19.20 -4.32
CA THR A 21 -16.81 -18.57 -5.63
C THR A 21 -15.64 -17.60 -5.60
N CYS A 22 -14.79 -17.69 -6.62
CA CYS A 22 -13.66 -16.78 -6.79
C CYS A 22 -13.92 -15.93 -8.01
N THR A 23 -14.06 -14.62 -7.82
CA THR A 23 -14.31 -13.70 -8.93
C THR A 23 -12.99 -13.06 -9.30
N VAL A 24 -12.60 -13.26 -10.55
CA VAL A 24 -11.31 -12.87 -11.06
C VAL A 24 -11.44 -11.54 -11.80
N SER A 25 -10.58 -10.59 -11.47
CA SER A 25 -10.43 -9.41 -12.30
C SER A 25 -8.97 -9.16 -12.57
N GLY A 26 -8.68 -8.63 -13.75
CA GLY A 26 -7.32 -8.34 -14.17
C GLY A 26 -6.70 -9.27 -15.21
N PHE A 27 -7.29 -10.46 -15.42
CA PHE A 27 -6.83 -11.38 -16.47
C PHE A 27 -7.99 -12.26 -16.92
N SER A 28 -7.81 -12.89 -18.08
CA SER A 28 -8.84 -13.72 -18.68
C SER A 28 -8.70 -15.17 -18.24
N LEU A 29 -9.80 -15.74 -17.74
CA LEU A 29 -9.87 -17.18 -17.43
C LEU A 29 -9.74 -18.05 -18.67
N THR A 30 -9.98 -17.50 -19.87
CA THR A 30 -9.76 -18.27 -21.09
C THR A 30 -8.28 -18.43 -21.43
N THR A 31 -7.39 -17.73 -20.72
CA THR A 31 -5.98 -17.78 -21.01
C THR A 31 -5.11 -18.33 -19.88
N TYR A 32 -5.54 -18.20 -18.62
CA TYR A 32 -4.69 -18.59 -17.47
C TYR A 32 -5.40 -19.53 -16.51
N GLY A 33 -4.63 -20.42 -15.92
CA GLY A 33 -5.12 -21.33 -14.90
C GLY A 33 -5.30 -20.67 -13.53
N VAL A 34 -6.21 -21.24 -12.74
CA VAL A 34 -6.46 -20.82 -11.36
C VAL A 34 -6.34 -22.05 -10.46
N HIS A 35 -5.61 -21.89 -9.36
CA HIS A 35 -5.33 -22.95 -8.41
C HIS A 35 -6.10 -22.73 -7.11
N TRP A 36 -6.28 -23.79 -6.35
CA TRP A 36 -6.86 -23.74 -5.00
C TRP A 36 -5.90 -24.36 -4.01
N VAL A 37 -5.71 -23.66 -2.90
CA VAL A 37 -4.74 -24.01 -1.87
C VAL A 37 -5.41 -23.80 -0.53
N ARG A 38 -5.09 -24.62 0.46
CA ARG A 38 -5.52 -24.32 1.84
C ARG A 38 -4.36 -24.30 2.80
N GLN A 39 -4.58 -23.60 3.91
CA GLN A 39 -3.59 -23.42 4.95
C GLN A 39 -4.19 -23.71 6.31
N SER A 40 -3.53 -24.56 7.08
CA SER A 40 -3.91 -24.85 8.48
C SER A 40 -2.67 -24.86 9.36
N PRO A 41 -2.84 -24.62 10.67
CA PRO A 41 -1.67 -24.71 11.56
C PRO A 41 -1.04 -26.12 11.62
N GLY A 42 -1.87 -27.16 11.53
CA GLY A 42 -1.41 -28.55 11.62
C GLY A 42 -0.71 -29.11 10.39
N LYS A 43 -1.19 -28.77 9.20
CA LYS A 43 -0.67 -29.35 7.95
C LYS A 43 0.00 -28.32 7.02
N GLY A 44 0.02 -27.03 7.40
CA GLY A 44 0.64 -26.00 6.57
C GLY A 44 -0.14 -25.78 5.28
N LEU A 45 0.58 -25.53 4.20
CA LEU A 45 -0.02 -25.23 2.90
C LEU A 45 -0.20 -26.51 2.10
N GLU A 46 -1.42 -26.73 1.62
CA GLU A 46 -1.75 -27.91 0.82
C GLU A 46 -2.39 -27.45 -0.49
N TRP A 47 -1.80 -27.86 -1.60
CA TRP A 47 -2.36 -27.56 -2.92
C TRP A 47 -3.47 -28.56 -3.17
N LEU A 48 -4.66 -28.07 -3.53
CA LEU A 48 -5.81 -28.91 -3.70
C LEU A 48 -6.10 -29.25 -5.16
N GLY A 49 -5.92 -28.29 -6.05
CA GLY A 49 -6.16 -28.53 -7.46
C GLY A 49 -6.02 -27.31 -8.31
N VAL A 50 -6.25 -27.50 -9.61
CA VAL A 50 -6.13 -26.45 -10.61
C VAL A 50 -7.16 -26.65 -11.71
N ILE A 51 -7.66 -25.54 -12.25
CA ILE A 51 -8.42 -25.57 -13.49
C ILE A 51 -7.67 -24.77 -14.54
N TRP A 52 -7.21 -25.47 -15.58
CA TRP A 52 -6.46 -24.85 -16.65
C TRP A 52 -7.39 -24.04 -17.59
N SER A 53 -6.81 -23.20 -18.42
CA SER A 53 -7.58 -22.22 -19.23
C SER A 53 -8.64 -22.91 -20.10
N GLY A 54 -8.28 -24.05 -20.67
CA GLY A 54 -9.22 -24.80 -21.51
C GLY A 54 -10.24 -25.66 -20.78
N GLY A 55 -10.22 -25.63 -19.45
CA GLY A 55 -11.18 -26.36 -18.65
C GLY A 55 -10.67 -27.63 -18.01
N THR A 56 -9.50 -28.14 -18.44
CA THR A 56 -8.96 -29.38 -17.83
C THR A 56 -8.70 -29.12 -16.33
N THR A 57 -9.08 -30.07 -15.48
CA THR A 57 -8.82 -29.97 -14.05
C THR A 57 -7.91 -31.06 -13.59
N GLU A 58 -7.03 -30.71 -12.65
CA GLU A 58 -6.22 -31.69 -11.96
C GLU A 58 -6.41 -31.48 -10.47
N TYR A 59 -6.49 -32.58 -9.74
CA TYR A 59 -6.73 -32.55 -8.31
C TYR A 59 -5.64 -33.29 -7.55
N ASN A 60 -5.40 -32.87 -6.32
CA ASN A 60 -4.57 -33.64 -5.41
C ASN A 60 -5.28 -34.98 -5.14
N ALA A 61 -4.59 -36.08 -5.40
CA ALA A 61 -5.18 -37.44 -5.22
C ALA A 61 -5.76 -37.71 -3.83
N ALA A 62 -5.23 -37.05 -2.80
CA ALA A 62 -5.79 -37.16 -1.43
C ALA A 62 -7.21 -36.62 -1.28
N PHE A 63 -7.65 -35.75 -2.19
CA PHE A 63 -8.95 -35.09 -2.11
C PHE A 63 -9.88 -35.35 -3.29
N ILE A 64 -9.39 -36.08 -4.29
CA ILE A 64 -10.09 -36.17 -5.59
C ILE A 64 -11.51 -36.72 -5.48
N SER A 65 -11.72 -37.64 -4.55
CA SER A 65 -13.05 -38.24 -4.33
C SER A 65 -14.14 -37.24 -3.93
N ARG A 66 -13.75 -36.11 -3.33
CA ARG A 66 -14.73 -35.16 -2.81
C ARG A 66 -14.54 -33.70 -3.25
N LEU A 67 -13.62 -33.45 -4.17
CA LEU A 67 -13.32 -32.11 -4.64
C LEU A 67 -13.75 -31.85 -6.09
N SER A 68 -14.34 -30.67 -6.33
CA SER A 68 -14.75 -30.24 -7.66
C SER A 68 -14.36 -28.79 -7.90
N ILE A 69 -13.69 -28.53 -9.03
CA ILE A 69 -13.41 -27.16 -9.49
C ILE A 69 -14.05 -26.98 -10.86
N SER A 70 -14.73 -25.86 -11.06
CA SER A 70 -15.34 -25.50 -12.33
C SER A 70 -15.26 -24.00 -12.52
N LYS A 71 -15.69 -23.52 -13.69
CA LYS A 71 -15.64 -22.08 -13.94
C LYS A 71 -16.64 -21.61 -14.99
N ASP A 72 -16.81 -20.29 -15.03
CA ASP A 72 -17.56 -19.61 -16.06
C ASP A 72 -16.70 -18.47 -16.59
N ASN A 73 -16.14 -18.65 -17.79
CA ASN A 73 -15.20 -17.71 -18.37
C ASN A 73 -15.78 -16.32 -18.59
N SER A 74 -17.02 -16.26 -19.08
CA SER A 74 -17.65 -14.97 -19.38
C SER A 74 -17.96 -14.16 -18.12
N LYS A 75 -18.36 -14.84 -17.03
CA LYS A 75 -18.58 -14.18 -15.72
C LYS A 75 -17.29 -13.99 -14.90
N SER A 76 -16.17 -14.52 -15.39
CA SER A 76 -14.89 -14.43 -14.72
C SER A 76 -14.95 -15.02 -13.30
N GLN A 77 -15.63 -16.17 -13.16
CA GLN A 77 -15.78 -16.84 -11.88
C GLN A 77 -15.25 -18.27 -11.91
N VAL A 78 -14.61 -18.67 -10.81
CA VAL A 78 -14.14 -20.03 -10.58
C VAL A 78 -14.82 -20.53 -9.32
N PHE A 79 -15.31 -21.78 -9.39
CA PHE A 79 -16.14 -22.37 -8.34
C PHE A 79 -15.38 -23.55 -7.73
N PHE A 80 -15.26 -23.55 -6.41
CA PHE A 80 -14.66 -24.61 -5.63
C PHE A 80 -15.77 -25.24 -4.80
N LYS A 81 -15.84 -26.57 -4.83
CA LYS A 81 -16.74 -27.29 -3.95
C LYS A 81 -16.03 -28.52 -3.40
N MET A 82 -16.10 -28.69 -2.08
CA MET A 82 -15.58 -29.89 -1.44
C MET A 82 -16.67 -30.50 -0.57
N ASN A 83 -16.84 -31.83 -0.69
CA ASN A 83 -17.84 -32.57 0.06
C ASN A 83 -17.32 -33.19 1.35
N SER A 84 -18.26 -33.55 2.20
CA SER A 84 -17.99 -34.43 3.34
C SER A 84 -16.91 -33.88 4.24
N LEU A 85 -17.08 -32.62 4.63
CA LEU A 85 -16.05 -31.96 5.43
C LEU A 85 -16.05 -32.50 6.86
N GLN A 86 -14.87 -32.72 7.41
CA GLN A 86 -14.68 -33.08 8.78
C GLN A 86 -13.82 -32.06 9.46
N THR A 87 -13.63 -32.22 10.76
CA THR A 87 -12.94 -31.25 11.58
C THR A 87 -11.51 -30.97 11.07
N ASN A 88 -10.82 -31.96 10.53
CA ASN A 88 -9.47 -31.76 9.98
C ASN A 88 -9.43 -31.03 8.60
N ASP A 89 -10.59 -30.59 8.09
CA ASP A 89 -10.69 -29.73 6.91
C ASP A 89 -10.80 -28.25 7.28
N THR A 90 -10.86 -27.94 8.57
CA THR A 90 -10.81 -26.54 9.04
C THR A 90 -9.51 -25.91 8.58
N ALA A 91 -9.63 -24.79 7.90
CA ALA A 91 -8.53 -24.12 7.21
C ALA A 91 -8.97 -22.83 6.55
N ILE A 92 -7.98 -22.06 6.10
CA ILE A 92 -8.22 -20.93 5.21
C ILE A 92 -8.02 -21.46 3.80
N TYR A 93 -9.02 -21.26 2.95
CA TYR A 93 -9.03 -21.72 1.57
C TYR A 93 -8.79 -20.52 0.65
N PHE A 94 -7.88 -20.68 -0.31
CA PHE A 94 -7.49 -19.61 -1.22
C PHE A 94 -7.63 -20.01 -2.68
N CYS A 95 -8.11 -19.04 -3.46
CA CYS A 95 -8.07 -19.02 -4.91
C CYS A 95 -6.76 -18.32 -5.27
N VAL A 96 -5.93 -18.89 -6.15
CA VAL A 96 -4.54 -18.41 -6.39
C VAL A 96 -4.18 -18.50 -7.87
N ARG A 97 -3.48 -17.49 -8.40
CA ARG A 97 -2.72 -17.68 -9.63
C ARG A 97 -1.27 -17.85 -9.21
N MET A 98 -0.73 -19.02 -9.48
CA MET A 98 0.65 -19.40 -9.13
C MET A 98 1.22 -20.30 -10.21
N ARG A 99 2.46 -20.76 -10.01
CA ARG A 99 3.14 -21.63 -10.96
C ARG A 99 3.28 -20.96 -12.33
N ILE A 100 3.86 -19.77 -12.31
CA ILE A 100 3.91 -18.93 -13.49
C ILE A 100 5.13 -19.27 -14.37
N THR A 101 4.96 -19.05 -15.66
CA THR A 101 6.03 -19.23 -16.63
C THR A 101 6.47 -17.84 -17.10
N THR A 102 5.54 -17.07 -17.65
CA THR A 102 5.85 -15.77 -18.24
C THR A 102 4.98 -14.59 -17.83
N ASP A 103 3.83 -14.83 -17.22
CA ASP A 103 2.83 -13.78 -17.03
C ASP A 103 3.08 -12.99 -15.75
N TRP A 104 2.37 -11.87 -15.62
CA TRP A 104 2.47 -10.95 -14.50
C TRP A 104 1.28 -11.06 -13.57
N PHE A 105 0.50 -12.13 -13.68
CA PHE A 105 -0.79 -12.22 -12.98
C PHE A 105 -0.76 -13.04 -11.69
N ALA A 106 0.41 -13.36 -11.18
CA ALA A 106 0.52 -14.07 -9.91
C ALA A 106 -0.19 -13.29 -8.83
N TYR A 107 -1.06 -13.96 -8.10
CA TYR A 107 -1.80 -13.30 -7.04
C TYR A 107 -2.41 -14.34 -6.12
N TRP A 108 -2.49 -14.02 -4.84
CA TRP A 108 -3.07 -14.91 -3.85
CA TRP A 108 -3.11 -14.91 -3.84
C TRP A 108 -4.19 -14.14 -3.15
N GLY A 109 -5.42 -14.60 -3.30
CA GLY A 109 -6.57 -13.95 -2.62
C GLY A 109 -6.51 -13.89 -1.11
N GLN A 110 -7.38 -13.08 -0.49
CA GLN A 110 -7.44 -12.96 0.97
C GLN A 110 -7.84 -14.26 1.68
N GLY A 111 -8.60 -15.08 0.98
CA GLY A 111 -8.94 -16.39 1.46
C GLY A 111 -10.21 -16.37 2.25
N THR A 112 -10.74 -17.56 2.49
CA THR A 112 -11.98 -17.78 3.21
C THR A 112 -11.64 -18.72 4.36
N LEU A 113 -11.80 -18.25 5.59
CA LEU A 113 -11.55 -19.07 6.78
C LEU A 113 -12.76 -19.97 6.90
N VAL A 114 -12.53 -21.27 6.89
CA VAL A 114 -13.63 -22.24 6.97
C VAL A 114 -13.48 -22.99 8.26
N THR A 115 -14.55 -22.96 9.05
CA THR A 115 -14.61 -23.65 10.33
C THR A 115 -15.64 -24.76 10.16
N VAL A 116 -15.23 -25.99 10.44
CA VAL A 116 -16.15 -27.15 10.35
C VAL A 116 -16.61 -27.50 11.77
N SER A 117 -17.86 -27.18 12.05
CA SER A 117 -18.38 -27.29 13.41
C SER A 117 -19.90 -27.28 13.39
N ALA A 118 -20.49 -28.01 14.33
CA ALA A 118 -21.93 -27.94 14.58
C ALA A 118 -22.29 -26.84 15.59
N ALA A 119 -21.28 -26.17 16.17
CA ALA A 119 -21.55 -25.06 17.09
C ALA A 119 -22.23 -23.89 16.37
N LYS A 120 -23.00 -23.13 17.15
CA LYS A 120 -23.92 -22.15 16.64
C LYS A 120 -23.25 -20.78 16.50
N THR A 121 -23.60 -20.03 15.45
CA THR A 121 -23.16 -18.65 15.33
C THR A 121 -23.65 -17.80 16.51
N THR A 122 -22.72 -17.03 17.09
CA THR A 122 -23.00 -16.20 18.27
C THR A 122 -22.24 -14.88 18.08
N PRO A 123 -22.89 -13.72 18.24
CA PRO A 123 -22.19 -12.45 18.12
C PRO A 123 -21.35 -12.14 19.37
N PRO A 124 -20.32 -11.29 19.22
CA PRO A 124 -19.49 -10.92 20.37
C PRO A 124 -20.14 -9.92 21.31
N SER A 125 -19.76 -9.98 22.59
CA SER A 125 -19.96 -8.85 23.48
C SER A 125 -18.66 -8.05 23.46
N VAL A 126 -18.78 -6.74 23.35
CA VAL A 126 -17.60 -5.88 23.24
C VAL A 126 -17.53 -4.95 24.44
N TYR A 127 -16.43 -4.98 25.16
CA TYR A 127 -16.27 -4.20 26.36
C TYR A 127 -15.08 -3.25 26.22
N PRO A 128 -15.27 -1.98 26.57
CA PRO A 128 -14.17 -1.04 26.53
C PRO A 128 -13.24 -1.25 27.72
N LEU A 129 -11.94 -1.12 27.48
CA LEU A 129 -10.94 -1.19 28.54
C LEU A 129 -10.29 0.19 28.70
N ALA A 130 -10.74 0.92 29.72
CA ALA A 130 -10.11 2.16 30.14
C ALA A 130 -9.27 1.88 31.35
N PRO A 131 -8.18 2.64 31.55
CA PRO A 131 -7.39 2.46 32.79
C PRO A 131 -8.23 2.63 34.05
N GLY A 132 -7.87 1.94 35.13
CA GLY A 132 -8.56 2.06 36.43
C GLY A 132 -8.64 3.50 36.92
N SER A 133 -9.69 3.85 37.69
CA SER A 133 -9.94 5.24 38.11
C SER A 133 -8.82 5.82 38.98
N ALA A 134 -8.12 4.94 39.70
CA ALA A 134 -6.91 5.30 40.45
C ALA A 134 -5.59 5.00 39.69
N ALA A 135 -5.66 4.65 38.41
CA ALA A 135 -4.47 4.27 37.64
C ALA A 135 -3.66 5.52 37.37
N GLN A 136 -2.34 5.38 37.45
CA GLN A 136 -1.44 6.52 37.23
C GLN A 136 -1.41 6.89 35.75
N THR A 137 -0.94 8.10 35.46
CA THR A 137 -0.89 8.63 34.09
C THR A 137 0.57 8.62 33.57
N ASN A 138 0.69 8.26 32.29
CA ASN A 138 1.97 8.19 31.59
C ASN A 138 1.86 9.08 30.34
N SER A 139 3.00 9.40 29.71
CA SER A 139 3.01 10.16 28.45
C SER A 139 2.26 9.46 27.30
N MET A 140 2.25 8.12 27.31
CA MET A 140 1.45 7.31 26.37
C MET A 140 0.47 6.47 27.16
N VAL A 141 -0.81 6.52 26.79
CA VAL A 141 -1.84 5.76 27.49
C VAL A 141 -2.23 4.57 26.61
N THR A 142 -2.38 3.41 27.23
CA THR A 142 -2.85 2.21 26.54
C THR A 142 -4.32 1.99 26.89
N LEU A 143 -5.12 1.79 25.84
CA LEU A 143 -6.53 1.52 25.96
C LEU A 143 -6.77 0.18 25.29
N GLY A 144 -7.95 -0.38 25.51
CA GLY A 144 -8.27 -1.62 24.84
C GLY A 144 -9.73 -1.90 24.65
N CYS A 145 -9.96 -3.02 23.99
CA CYS A 145 -11.29 -3.50 23.66
C CYS A 145 -11.25 -5.00 23.92
N LEU A 146 -12.19 -5.50 24.72
CA LEU A 146 -12.32 -6.94 24.97
C LEU A 146 -13.49 -7.45 24.15
N VAL A 147 -13.24 -8.46 23.32
CA VAL A 147 -14.22 -8.99 22.38
C VAL A 147 -14.47 -10.42 22.77
N LYS A 148 -15.63 -10.70 23.37
CA LYS A 148 -15.85 -11.93 24.11
C LYS A 148 -17.04 -12.73 23.63
N GLY A 149 -16.88 -14.04 23.60
CA GLY A 149 -18.01 -14.95 23.46
C GLY A 149 -18.63 -15.06 22.07
N TYR A 150 -17.79 -15.02 21.03
CA TYR A 150 -18.31 -15.08 19.65
C TYR A 150 -17.95 -16.38 18.97
N PHE A 151 -18.71 -16.69 17.91
CA PHE A 151 -18.40 -17.85 17.08
C PHE A 151 -19.08 -17.70 15.73
N PRO A 152 -18.44 -18.08 14.63
CA PRO A 152 -17.05 -18.54 14.54
C PRO A 152 -16.12 -17.36 14.33
N GLU A 153 -14.84 -17.65 14.10
CA GLU A 153 -13.92 -16.63 13.56
C GLU A 153 -14.33 -16.27 12.11
N PRO A 154 -13.96 -15.11 11.58
CA PRO A 154 -13.14 -14.08 12.25
C PRO A 154 -13.97 -12.90 12.74
N VAL A 155 -13.31 -12.02 13.50
CA VAL A 155 -13.80 -10.66 13.71
C VAL A 155 -12.77 -9.73 13.08
N THR A 156 -13.19 -8.50 12.79
CA THR A 156 -12.29 -7.43 12.37
C THR A 156 -12.38 -6.34 13.41
N VAL A 157 -11.24 -5.98 13.98
CA VAL A 157 -11.17 -4.88 14.94
C VAL A 157 -10.44 -3.70 14.31
N THR A 158 -11.05 -2.53 14.41
CA THR A 158 -10.41 -1.28 14.01
C THR A 158 -10.57 -0.28 15.14
N TRP A 159 -9.80 0.79 15.04
CA TRP A 159 -9.87 1.87 15.99
C TRP A 159 -10.15 3.17 15.22
N ASN A 160 -11.07 3.97 15.72
CA ASN A 160 -11.53 5.20 15.04
C ASN A 160 -11.78 4.98 13.56
N SER A 161 -12.59 3.96 13.29
CA SER A 161 -13.03 3.58 11.93
C SER A 161 -11.87 3.30 10.98
N GLY A 162 -10.76 2.80 11.52
CA GLY A 162 -9.57 2.46 10.77
C GLY A 162 -8.56 3.56 10.57
N SER A 163 -8.84 4.77 11.07
CA SER A 163 -7.85 5.85 11.02
C SER A 163 -6.75 5.74 12.07
N LEU A 164 -7.02 5.01 13.15
CA LEU A 164 -6.02 4.80 14.19
C LEU A 164 -5.52 3.39 13.99
N SER A 165 -4.42 3.28 13.26
CA SER A 165 -3.89 1.98 12.79
C SER A 165 -2.52 1.65 13.39
N SER A 166 -1.70 2.67 13.55
CA SER A 166 -0.40 2.51 14.18
C SER A 166 -0.54 2.39 15.71
N GLY A 167 0.38 1.66 16.32
CA GLY A 167 0.36 1.45 17.78
C GLY A 167 -0.74 0.49 18.25
N VAL A 168 -1.29 -0.32 17.35
CA VAL A 168 -2.39 -1.24 17.68
C VAL A 168 -1.84 -2.66 17.76
N HIS A 169 -2.27 -3.42 18.76
CA HIS A 169 -2.04 -4.86 18.77
C HIS A 169 -3.36 -5.55 18.95
N THR A 170 -3.78 -6.32 17.94
CA THR A 170 -4.97 -7.16 18.05
C THR A 170 -4.52 -8.61 18.17
N PHE A 171 -4.79 -9.21 19.32
CA PHE A 171 -4.20 -10.49 19.66
C PHE A 171 -4.99 -11.63 19.02
N PRO A 172 -4.33 -12.75 18.76
CA PRO A 172 -5.09 -13.90 18.27
C PRO A 172 -6.15 -14.34 19.25
N ALA A 173 -7.28 -14.74 18.69
CA ALA A 173 -8.38 -15.23 19.48
C ALA A 173 -8.04 -16.56 20.14
N VAL A 174 -8.62 -16.78 21.30
CA VAL A 174 -8.50 -18.07 21.98
C VAL A 174 -9.90 -18.64 22.17
N LEU A 175 -10.03 -19.94 21.98
CA LEU A 175 -11.31 -20.65 22.03
C LEU A 175 -11.49 -21.28 23.42
N GLN A 176 -12.50 -20.83 24.19
CA GLN A 176 -12.82 -21.28 25.58
C GLN A 176 -14.37 -21.36 25.79
N SER A 177 -14.84 -22.38 26.50
CA SER A 177 -16.30 -22.69 26.58
C SER A 177 -16.96 -22.68 25.18
N ASP A 178 -16.27 -23.23 24.18
CA ASP A 178 -16.75 -23.29 22.79
C ASP A 178 -16.98 -21.91 22.09
N LEU A 179 -16.37 -20.85 22.61
CA LEU A 179 -16.58 -19.48 22.08
C LEU A 179 -15.23 -18.80 22.07
N TYR A 180 -15.04 -17.88 21.14
CA TYR A 180 -13.77 -17.13 21.04
C TYR A 180 -13.78 -15.85 21.85
N THR A 181 -12.58 -15.49 22.32
CA THR A 181 -12.35 -14.21 22.93
C THR A 181 -11.02 -13.67 22.42
N LEU A 182 -10.99 -12.37 22.18
CA LEU A 182 -9.76 -11.68 21.91
C LEU A 182 -9.78 -10.30 22.50
N SER A 183 -8.61 -9.70 22.53
CA SER A 183 -8.48 -8.33 22.95
C SER A 183 -7.62 -7.57 21.93
N SER A 184 -7.79 -6.26 21.93
CA SER A 184 -7.01 -5.34 21.09
C SER A 184 -6.58 -4.19 21.97
N SER A 185 -5.30 -3.83 21.90
CA SER A 185 -4.80 -2.65 22.61
C SER A 185 -4.41 -1.57 21.61
N VAL A 186 -4.52 -0.32 22.04
CA VAL A 186 -3.99 0.79 21.24
C VAL A 186 -3.31 1.74 22.21
N THR A 187 -2.20 2.30 21.77
CA THR A 187 -1.44 3.20 22.60
C THR A 187 -1.39 4.56 21.92
N VAL A 188 -1.79 5.59 22.64
CA VAL A 188 -1.88 6.95 22.11
C VAL A 188 -1.30 7.94 23.12
N PRO A 189 -0.93 9.15 22.62
CA PRO A 189 -0.41 10.12 23.58
C PRO A 189 -1.44 10.55 24.63
N SER A 190 -0.99 10.74 25.87
CA SER A 190 -1.85 11.20 26.98
C SER A 190 -2.42 12.60 26.77
N SER A 191 -1.73 13.40 25.95
CA SER A 191 -2.24 14.71 25.55
C SER A 191 -3.31 14.64 24.46
N THR A 192 -3.65 13.42 23.98
CA THR A 192 -4.67 13.24 22.97
C THR A 192 -5.96 12.75 23.64
N TRP A 193 -5.91 11.56 24.24
CA TRP A 193 -7.08 10.97 24.91
C TRP A 193 -7.05 11.37 26.38
N PRO A 194 -8.18 11.73 27.00
CA PRO A 194 -9.55 11.63 26.46
C PRO A 194 -10.12 12.85 25.71
N SER A 195 -9.31 13.90 25.51
CA SER A 195 -9.81 15.08 24.78
C SER A 195 -10.28 14.70 23.37
N GLU A 196 -9.54 13.80 22.75
CA GLU A 196 -9.89 13.24 21.46
C GLU A 196 -10.49 11.86 21.67
N THR A 197 -11.61 11.60 21.02
CA THR A 197 -12.35 10.36 21.18
C THR A 197 -11.54 9.19 20.60
N VAL A 198 -11.56 8.07 21.32
CA VAL A 198 -11.01 6.80 20.86
C VAL A 198 -12.12 5.76 20.98
N THR A 199 -12.42 5.08 19.88
CA THR A 199 -13.50 4.11 19.77
C THR A 199 -13.00 2.85 19.09
N CYS A 200 -13.32 1.68 19.63
CA CYS A 200 -13.03 0.44 18.91
C CYS A 200 -14.25 0.00 18.13
N ASN A 201 -14.03 -0.45 16.91
CA ASN A 201 -15.09 -0.89 16.01
C ASN A 201 -14.89 -2.38 15.79
N VAL A 202 -15.92 -3.17 16.08
CA VAL A 202 -15.82 -4.60 15.93
C VAL A 202 -16.89 -5.13 14.98
N ALA A 203 -16.46 -5.78 13.91
CA ALA A 203 -17.35 -6.42 12.94
C ALA A 203 -17.21 -7.95 13.05
N HIS A 204 -18.37 -8.62 13.05
CA HIS A 204 -18.41 -10.08 13.06
C HIS A 204 -19.33 -10.47 11.90
N PRO A 205 -18.75 -10.65 10.70
CA PRO A 205 -19.54 -10.91 9.48
C PRO A 205 -20.54 -12.06 9.60
N ALA A 206 -20.15 -13.13 10.30
CA ALA A 206 -21.03 -14.31 10.42
C ALA A 206 -22.37 -14.02 11.11
N SER A 207 -22.39 -13.08 12.05
CA SER A 207 -23.61 -12.67 12.72
C SER A 207 -24.13 -11.31 12.20
N SER A 208 -23.57 -10.81 11.10
CA SER A 208 -23.87 -9.49 10.56
C SER A 208 -23.84 -8.36 11.60
N THR A 209 -22.95 -8.45 12.59
CA THR A 209 -22.91 -7.43 13.66
C THR A 209 -21.76 -6.43 13.42
N LYS A 210 -22.03 -5.17 13.76
CA LYS A 210 -21.07 -4.07 13.77
C LYS A 210 -21.33 -3.26 15.03
N VAL A 211 -20.36 -3.21 15.93
CA VAL A 211 -20.50 -2.49 17.18
C VAL A 211 -19.34 -1.51 17.32
N ASP A 212 -19.64 -0.32 17.83
CA ASP A 212 -18.63 0.70 18.17
C ASP A 212 -18.68 0.87 19.68
N LYS A 213 -17.53 0.82 20.35
CA LYS A 213 -17.47 1.09 21.78
C LYS A 213 -16.50 2.21 22.04
N LYS A 214 -17.02 3.35 22.49
CA LYS A 214 -16.18 4.47 22.88
C LYS A 214 -15.47 4.14 24.18
N ILE A 215 -14.17 4.45 24.25
CA ILE A 215 -13.42 4.27 25.47
C ILE A 215 -13.57 5.56 26.30
N VAL A 216 -14.27 5.44 27.43
CA VAL A 216 -14.59 6.59 28.30
C VAL A 216 -13.76 6.46 29.58
N PRO A 217 -13.18 7.56 30.08
CA PRO A 217 -12.44 7.48 31.34
C PRO A 217 -13.34 7.01 32.47
N ARG A 218 -12.80 6.22 33.40
CA ARG A 218 -13.66 5.63 34.44
C ARG A 218 -14.06 6.64 35.51
N VAL B 2 -10.04 7.30 6.55
CA VAL B 2 -10.74 8.43 5.94
C VAL B 2 -10.72 8.31 4.43
N GLN B 3 -11.84 8.67 3.80
CA GLN B 3 -11.85 8.93 2.37
C GLN B 3 -12.54 10.25 2.13
N LEU B 4 -11.98 11.00 1.18
CA LEU B 4 -12.53 12.27 0.76
C LEU B 4 -12.69 12.16 -0.76
N GLN B 5 -13.84 11.67 -1.21
CA GLN B 5 -14.04 11.37 -2.62
C GLN B 5 -14.65 12.57 -3.33
N GLU B 6 -14.06 12.96 -4.46
CA GLU B 6 -14.48 14.15 -5.17
C GLU B 6 -15.17 13.84 -6.46
N SER B 7 -16.23 14.58 -6.77
CA SER B 7 -16.85 14.56 -8.09
C SER B 7 -17.06 15.97 -8.60
N GLY B 8 -16.87 16.13 -9.91
CA GLY B 8 -17.00 17.43 -10.53
C GLY B 8 -16.46 17.40 -11.94
N PRO B 9 -16.67 18.48 -12.70
CA PRO B 9 -16.25 18.51 -14.10
C PRO B 9 -14.74 18.67 -14.25
N GLY B 10 -14.18 17.97 -15.22
CA GLY B 10 -12.78 18.14 -15.59
C GLY B 10 -12.56 19.42 -16.40
N LEU B 11 -13.53 19.74 -17.24
CA LEU B 11 -13.38 20.81 -18.22
C LEU B 11 -14.47 21.86 -17.98
N VAL B 12 -14.07 23.10 -17.77
CA VAL B 12 -14.97 24.22 -17.52
C VAL B 12 -14.67 25.36 -18.50
N GLN B 13 -15.70 25.98 -19.06
CA GLN B 13 -15.53 27.11 -19.97
C GLN B 13 -15.12 28.40 -19.22
N PRO B 14 -14.25 29.22 -19.84
CA PRO B 14 -13.90 30.49 -19.16
C PRO B 14 -15.13 31.33 -18.85
N SER B 15 -15.04 32.07 -17.76
CA SER B 15 -16.14 32.91 -17.20
C SER B 15 -17.27 32.11 -16.54
N GLN B 16 -17.32 30.78 -16.70
CA GLN B 16 -18.34 29.96 -16.06
C GLN B 16 -17.84 29.48 -14.69
N SER B 17 -18.59 28.59 -14.05
CA SER B 17 -18.29 28.17 -12.68
C SER B 17 -17.83 26.71 -12.54
N LEU B 18 -17.11 26.48 -11.44
CA LEU B 18 -16.58 25.19 -11.08
C LEU B 18 -17.34 24.71 -9.86
N SER B 19 -17.97 23.53 -9.93
CA SER B 19 -18.62 22.93 -8.77
C SER B 19 -18.00 21.57 -8.47
N ILE B 20 -17.60 21.36 -7.21
CA ILE B 20 -17.04 20.07 -6.77
C ILE B 20 -17.77 19.63 -5.52
N THR B 21 -18.19 18.36 -5.49
CA THR B 21 -18.74 17.75 -4.28
C THR B 21 -17.69 16.83 -3.67
N CYS B 22 -17.49 16.96 -2.37
CA CYS B 22 -16.57 16.11 -1.62
C CYS B 22 -17.39 15.27 -0.65
N THR B 23 -17.36 13.95 -0.84
CA THR B 23 -18.10 13.04 0.04
C THR B 23 -17.14 12.48 1.06
N VAL B 24 -17.45 12.72 2.32
CA VAL B 24 -16.59 12.39 3.44
C VAL B 24 -17.02 11.07 4.06
N SER B 25 -16.09 10.16 4.24
CA SER B 25 -16.34 8.97 5.05
C SER B 25 -15.19 8.79 6.02
N GLY B 26 -15.52 8.28 7.21
CA GLY B 26 -14.52 7.99 8.23
C GLY B 26 -14.49 8.92 9.43
N PHE B 27 -15.13 10.09 9.33
CA PHE B 27 -15.30 11.02 10.44
C PHE B 27 -16.56 11.84 10.22
N SER B 28 -17.04 12.48 11.30
CA SER B 28 -18.28 13.26 11.23
C SER B 28 -18.02 14.70 10.85
N LEU B 29 -18.72 15.21 9.85
CA LEU B 29 -18.73 16.65 9.51
C LEU B 29 -19.27 17.54 10.62
N THR B 30 -20.05 16.98 11.56
CA THR B 30 -20.49 17.76 12.72
C THR B 30 -19.40 17.96 13.74
N THR B 31 -18.25 17.30 13.60
CA THR B 31 -17.18 17.40 14.56
C THR B 31 -15.86 17.98 14.01
N TYR B 32 -15.59 17.84 12.72
CA TYR B 32 -14.28 18.27 12.15
C TYR B 32 -14.44 19.17 10.94
N GLY B 33 -13.51 20.10 10.80
CA GLY B 33 -13.46 20.96 9.62
C GLY B 33 -12.90 20.29 8.38
N VAL B 34 -13.30 20.81 7.22
CA VAL B 34 -12.82 20.38 5.91
C VAL B 34 -12.31 21.62 5.17
N HIS B 35 -11.11 21.50 4.60
CA HIS B 35 -10.45 22.57 3.88
C HIS B 35 -10.47 22.31 2.38
N TRP B 36 -10.27 23.38 1.61
CA TRP B 36 -10.06 23.30 0.18
C TRP B 36 -8.75 23.96 -0.19
N VAL B 37 -8.00 23.27 -1.02
CA VAL B 37 -6.66 23.66 -1.44
C VAL B 37 -6.57 23.43 -2.94
N ARG B 38 -5.81 24.25 -3.65
CA ARG B 38 -5.47 23.92 -5.04
C ARG B 38 -3.99 23.94 -5.27
N GLN B 39 -3.57 23.22 -6.31
CA GLN B 39 -2.20 23.18 -6.76
C GLN B 39 -2.13 23.49 -8.26
N SER B 40 -1.32 24.48 -8.59
CA SER B 40 -1.11 24.91 -9.98
C SER B 40 0.39 25.08 -10.25
N PRO B 41 0.79 24.98 -11.53
CA PRO B 41 2.21 25.21 -11.85
C PRO B 41 2.70 26.62 -11.52
N GLY B 42 1.84 27.63 -11.68
CA GLY B 42 2.23 29.03 -11.48
C GLY B 42 2.33 29.47 -10.03
N LYS B 43 1.37 29.04 -9.20
CA LYS B 43 1.31 29.48 -7.82
C LYS B 43 1.53 28.42 -6.75
N GLY B 44 1.79 27.17 -7.15
CA GLY B 44 2.04 26.08 -6.19
C GLY B 44 0.79 25.74 -5.41
N LEU B 45 0.93 25.48 -4.10
CA LEU B 45 -0.22 25.15 -3.24
C LEU B 45 -0.84 26.40 -2.66
N GLU B 46 -2.15 26.53 -2.81
CA GLU B 46 -2.91 27.68 -2.31
C GLU B 46 -4.07 27.17 -1.49
N TRP B 47 -4.17 27.64 -0.25
CA TRP B 47 -5.30 27.33 0.62
C TRP B 47 -6.43 28.27 0.22
N LEU B 48 -7.61 27.72 -0.05
CA LEU B 48 -8.74 28.48 -0.55
C LEU B 48 -9.76 28.81 0.51
N GLY B 49 -9.99 27.89 1.44
CA GLY B 49 -10.92 28.12 2.51
C GLY B 49 -11.19 26.89 3.34
N VAL B 50 -12.08 27.05 4.32
CA VAL B 50 -12.41 26.02 5.28
C VAL B 50 -13.86 26.17 5.72
N ILE B 51 -14.51 25.04 5.96
CA ILE B 51 -15.80 25.04 6.65
C ILE B 51 -15.65 24.26 7.95
N TRP B 52 -15.79 24.98 9.06
CA TRP B 52 -15.65 24.39 10.38
C TRP B 52 -16.91 23.56 10.73
N SER B 53 -16.80 22.72 11.74
CA SER B 53 -17.84 21.73 12.08
C SER B 53 -19.21 22.39 12.30
N GLY B 54 -19.21 23.55 12.95
CA GLY B 54 -20.45 24.28 13.20
C GLY B 54 -21.00 25.08 12.05
N GLY B 55 -20.33 25.07 10.90
CA GLY B 55 -20.79 25.76 9.72
C GLY B 55 -20.07 27.04 9.42
N THR B 56 -19.29 27.59 10.36
CA THR B 56 -18.56 28.84 10.08
C THR B 56 -17.58 28.59 8.94
N THR B 57 -17.54 29.53 7.98
CA THR B 57 -16.75 29.33 6.75
C THR B 57 -15.81 30.50 6.66
N GLU B 58 -14.54 30.20 6.37
CA GLU B 58 -13.54 31.22 6.19
C GLU B 58 -12.87 31.00 4.85
N TYR B 59 -12.55 32.11 4.19
CA TYR B 59 -12.03 32.07 2.83
C TYR B 59 -10.71 32.83 2.74
N ASN B 60 -9.88 32.42 1.80
CA ASN B 60 -8.74 33.23 1.41
C ASN B 60 -9.30 34.53 0.77
N ALA B 61 -8.92 35.68 1.29
CA ALA B 61 -9.43 36.99 0.79
C ALA B 61 -9.23 37.23 -0.71
N ALA B 62 -8.21 36.60 -1.32
CA ALA B 62 -8.01 36.66 -2.77
C ALA B 62 -9.12 36.01 -3.60
N PHE B 63 -9.90 35.12 -2.99
CA PHE B 63 -10.94 34.38 -3.67
C PHE B 63 -12.34 34.62 -3.14
N ILE B 64 -12.49 35.33 -2.03
CA ILE B 64 -13.77 35.43 -1.32
C ILE B 64 -14.90 35.96 -2.21
N SER B 65 -14.59 36.89 -3.13
CA SER B 65 -15.62 37.47 -4.00
C SER B 65 -16.28 36.45 -4.93
N ARG B 66 -15.60 35.35 -5.25
CA ARG B 66 -16.14 34.38 -6.18
C ARG B 66 -16.18 32.92 -5.71
N LEU B 67 -15.85 32.67 -4.46
CA LEU B 67 -15.81 31.32 -3.90
C LEU B 67 -16.91 31.13 -2.85
N SER B 68 -17.54 29.95 -2.88
CA SER B 68 -18.52 29.52 -1.91
C SER B 68 -18.20 28.09 -1.44
N ILE B 69 -18.14 27.89 -0.14
CA ILE B 69 -18.03 26.57 0.46
C ILE B 69 -19.24 26.36 1.37
N SER B 70 -19.85 25.20 1.26
CA SER B 70 -21.01 24.84 2.07
C SER B 70 -21.01 23.34 2.31
N LYS B 71 -21.95 22.85 3.10
CA LYS B 71 -22.03 21.43 3.36
C LYS B 71 -23.43 20.96 3.70
N ASP B 72 -23.58 19.63 3.67
CA ASP B 72 -24.78 18.95 4.14
C ASP B 72 -24.33 17.83 5.08
N ASN B 73 -24.48 18.07 6.38
CA ASN B 73 -24.00 17.13 7.39
C ASN B 73 -24.64 15.75 7.30
N SER B 74 -25.94 15.69 7.03
CA SER B 74 -26.64 14.40 6.95
C SER B 74 -26.18 13.54 5.77
N LYS B 75 -25.89 14.17 4.62
CA LYS B 75 -25.30 13.48 3.46
C LYS B 75 -23.78 13.32 3.51
N SER B 76 -23.14 13.88 4.52
CA SER B 76 -21.68 13.84 4.65
C SER B 76 -20.97 14.40 3.39
N GLN B 77 -21.48 15.51 2.89
CA GLN B 77 -20.98 16.15 1.68
C GLN B 77 -20.57 17.60 1.95
N VAL B 78 -19.47 18.01 1.33
CA VAL B 78 -18.98 19.38 1.35
C VAL B 78 -18.93 19.85 -0.11
N PHE B 79 -19.40 21.07 -0.35
CA PHE B 79 -19.58 21.62 -1.68
C PHE B 79 -18.65 22.81 -1.87
N PHE B 80 -17.94 22.81 -2.98
CA PHE B 80 -17.05 23.90 -3.41
C PHE B 80 -17.65 24.45 -4.68
N LYS B 81 -17.81 25.77 -4.76
CA LYS B 81 -18.22 26.41 -6.00
C LYS B 81 -17.45 27.71 -6.20
N MET B 82 -16.85 27.86 -7.37
CA MET B 82 -16.10 29.06 -7.68
C MET B 82 -16.58 29.62 -9.01
N ASN B 83 -16.85 30.93 -9.02
CA ASN B 83 -17.40 31.64 -10.19
C ASN B 83 -16.32 32.35 -10.95
N SER B 84 -16.71 32.76 -12.17
CA SER B 84 -15.93 33.64 -13.02
C SER B 84 -14.52 33.12 -13.20
N LEU B 85 -14.45 31.87 -13.66
CA LEU B 85 -13.16 31.24 -13.86
C LEU B 85 -12.43 31.86 -15.02
N GLN B 86 -11.11 31.98 -14.88
CA GLN B 86 -10.26 32.34 -16.01
C GLN B 86 -9.36 31.17 -16.28
N THR B 87 -8.70 31.22 -17.43
CA THR B 87 -7.92 30.06 -17.86
C THR B 87 -6.82 29.70 -16.84
N ASN B 88 -6.26 30.68 -16.13
CA ASN B 88 -5.24 30.38 -15.14
C ASN B 88 -5.79 29.86 -13.78
N ASP B 89 -7.11 29.65 -13.66
CA ASP B 89 -7.68 28.82 -12.57
C ASP B 89 -7.56 27.32 -12.81
N THR B 90 -6.95 26.95 -13.95
CA THR B 90 -6.57 25.57 -14.21
C THR B 90 -5.62 25.09 -13.12
N ALA B 91 -6.02 23.97 -12.50
CA ALA B 91 -5.38 23.45 -11.29
C ALA B 91 -6.01 22.16 -10.87
N ILE B 92 -5.34 21.49 -9.93
CA ILE B 92 -5.90 20.36 -9.25
C ILE B 92 -6.49 20.91 -7.95
N TYR B 93 -7.77 20.62 -7.72
CA TYR B 93 -8.51 21.10 -6.55
C TYR B 93 -8.69 19.94 -5.58
N PHE B 94 -8.43 20.18 -4.30
CA PHE B 94 -8.50 19.14 -3.27
C PHE B 94 -9.39 19.54 -2.11
N CYS B 95 -10.16 18.58 -1.64
CA CYS B 95 -10.87 18.58 -0.38
C CYS B 95 -9.91 17.88 0.61
N VAL B 96 -9.64 18.49 1.76
CA VAL B 96 -8.53 18.08 2.66
C VAL B 96 -8.93 18.20 4.13
N ARG B 97 -8.55 17.22 4.96
CA ARG B 97 -8.53 17.44 6.40
C ARG B 97 -7.07 17.67 6.76
N MET B 98 -6.78 18.87 7.23
CA MET B 98 -5.44 19.30 7.62
C MET B 98 -5.55 20.23 8.82
N ARG B 99 -4.41 20.77 9.26
CA ARG B 99 -4.34 21.68 10.39
C ARG B 99 -4.88 21.02 11.68
N ILE B 100 -4.27 19.90 11.97
CA ILE B 100 -4.69 18.95 13.00
C ILE B 100 -4.22 19.40 14.38
N THR B 101 -5.05 19.15 15.40
CA THR B 101 -4.61 19.40 16.78
C THR B 101 -4.38 18.06 17.47
N THR B 102 -5.41 17.23 17.50
CA THR B 102 -5.33 15.92 18.20
C THR B 102 -5.86 14.70 17.44
N ASP B 103 -6.60 14.91 16.34
CA ASP B 103 -7.33 13.80 15.72
C ASP B 103 -6.45 13.01 14.75
N TRP B 104 -6.96 11.86 14.32
CA TRP B 104 -6.26 10.96 13.41
C TRP B 104 -6.84 11.01 12.00
N PHE B 105 -7.62 12.04 11.69
CA PHE B 105 -8.39 12.07 10.44
C PHE B 105 -7.74 12.89 9.31
N ALA B 106 -6.47 13.26 9.45
CA ALA B 106 -5.77 13.97 8.39
C ALA B 106 -5.81 13.16 7.13
N TYR B 107 -6.21 13.78 6.04
CA TYR B 107 -6.27 13.09 4.77
C TYR B 107 -6.33 14.11 3.62
N TRP B 108 -5.67 13.76 2.54
CA TRP B 108 -5.62 14.60 1.36
C TRP B 108 -5.89 13.64 0.20
N GLY B 109 -7.02 13.79 -0.46
CA GLY B 109 -7.39 12.84 -1.51
C GLY B 109 -6.70 13.13 -2.83
N GLN B 110 -7.19 12.43 -3.85
CA GLN B 110 -6.62 12.48 -5.19
C GLN B 110 -6.84 13.80 -5.87
N GLY B 111 -7.93 14.48 -5.54
CA GLY B 111 -8.21 15.79 -6.12
C GLY B 111 -8.91 15.67 -7.47
N THR B 112 -9.28 16.82 -8.00
CA THR B 112 -9.95 16.93 -9.28
C THR B 112 -9.13 17.87 -10.15
N LEU B 113 -8.59 17.39 -11.26
CA LEU B 113 -7.88 18.25 -12.20
C LEU B 113 -8.94 19.02 -12.93
N VAL B 114 -8.91 20.35 -12.84
CA VAL B 114 -9.89 21.18 -13.52
C VAL B 114 -9.15 21.98 -14.56
N THR B 115 -9.61 21.87 -15.80
CA THR B 115 -9.05 22.63 -16.91
C THR B 115 -10.08 23.66 -17.32
N VAL B 116 -9.66 24.93 -17.31
CA VAL B 116 -10.53 26.04 -17.72
C VAL B 116 -10.12 26.43 -19.12
N SER B 117 -10.96 26.09 -20.09
CA SER B 117 -10.61 26.24 -21.50
C SER B 117 -11.87 26.19 -22.34
N ALA B 118 -11.86 26.94 -23.44
CA ALA B 118 -12.90 26.83 -24.46
C ALA B 118 -12.55 25.77 -25.51
N ALA B 119 -11.34 25.21 -25.45
CA ALA B 119 -10.94 24.15 -26.39
C ALA B 119 -11.79 22.89 -26.21
N LYS B 120 -11.93 22.14 -27.31
CA LYS B 120 -12.92 21.08 -27.39
C LYS B 120 -12.31 19.75 -26.93
N THR B 121 -13.12 18.93 -26.27
CA THR B 121 -12.71 17.58 -25.89
C THR B 121 -12.39 16.76 -27.15
N THR B 122 -11.25 16.07 -27.11
CA THR B 122 -10.77 15.26 -28.25
C THR B 122 -10.17 13.98 -27.65
N PRO B 123 -10.56 12.79 -28.15
CA PRO B 123 -9.98 11.56 -27.64
C PRO B 123 -8.57 11.32 -28.21
N PRO B 124 -7.76 10.51 -27.50
CA PRO B 124 -6.42 10.20 -28.00
C PRO B 124 -6.42 9.18 -29.14
N SER B 125 -5.41 9.27 -30.00
CA SER B 125 -5.03 8.15 -30.84
C SER B 125 -3.94 7.41 -30.09
N VAL B 126 -4.02 6.09 -30.04
CA VAL B 126 -3.04 5.29 -29.32
C VAL B 126 -2.29 4.39 -30.29
N TYR B 127 -0.97 4.51 -30.30
CA TYR B 127 -0.15 3.77 -31.24
C TYR B 127 0.84 2.87 -30.49
N PRO B 128 0.93 1.60 -30.90
CA PRO B 128 1.88 0.70 -30.27
C PRO B 128 3.30 0.99 -30.75
N LEU B 129 4.26 0.90 -29.84
CA LEU B 129 5.67 1.04 -30.18
C LEU B 129 6.39 -0.31 -30.01
N ALA B 130 6.61 -1.00 -31.11
CA ALA B 130 7.36 -2.26 -31.10
C ALA B 130 8.74 -2.01 -31.69
N PRO B 131 9.76 -2.76 -31.26
CA PRO B 131 11.10 -2.55 -31.84
C PRO B 131 11.11 -2.76 -33.36
N GLY B 132 11.98 -2.05 -34.07
CA GLY B 132 12.11 -2.20 -35.52
C GLY B 132 12.53 -3.62 -35.89
N SER B 133 13.73 -3.99 -35.45
CA SER B 133 14.41 -5.26 -35.82
C SER B 133 15.89 -5.24 -35.40
N GLN B 136 19.30 -4.69 -28.42
CA GLN B 136 18.89 -4.71 -27.03
C GLN B 136 20.06 -4.96 -26.07
N THR B 137 19.84 -4.63 -24.80
CA THR B 137 20.80 -4.84 -23.71
C THR B 137 20.09 -5.59 -22.58
N ASN B 138 20.86 -6.44 -21.88
CA ASN B 138 20.47 -7.17 -20.66
C ASN B 138 19.36 -8.25 -20.82
N SER B 139 19.18 -8.75 -22.04
CA SER B 139 18.09 -9.70 -22.36
C SER B 139 16.69 -9.11 -22.06
N MET B 140 16.56 -7.77 -22.17
CA MET B 140 15.34 -7.03 -21.80
C MET B 140 14.92 -6.21 -23.01
N VAL B 141 13.65 -6.28 -23.36
CA VAL B 141 13.11 -5.54 -24.50
C VAL B 141 12.27 -4.38 -23.99
N THR B 142 12.41 -3.22 -24.63
CA THR B 142 11.60 -2.05 -24.30
C THR B 142 10.49 -1.89 -25.35
N LEU B 143 9.28 -1.75 -24.87
CA LEU B 143 8.11 -1.55 -25.69
C LEU B 143 7.48 -0.23 -25.26
N GLY B 144 6.54 0.25 -26.04
CA GLY B 144 5.87 1.48 -25.64
C GLY B 144 4.52 1.72 -26.26
N CYS B 145 3.91 2.81 -25.84
CA CYS B 145 2.63 3.25 -26.31
C CYS B 145 2.69 4.75 -26.49
N LEU B 146 2.30 5.23 -27.67
CA LEU B 146 2.25 6.68 -27.95
C LEU B 146 0.82 7.12 -27.91
N VAL B 147 0.51 8.13 -27.11
CA VAL B 147 -0.86 8.57 -26.86
C VAL B 147 -0.93 10.03 -27.32
N LYS B 148 -1.58 10.25 -28.46
CA LYS B 148 -1.42 11.49 -29.18
C LYS B 148 -2.72 12.23 -29.42
N GLY B 149 -2.66 13.55 -29.31
CA GLY B 149 -3.71 14.43 -29.81
C GLY B 149 -4.99 14.47 -29.01
N TYR B 150 -4.88 14.43 -27.68
CA TYR B 150 -6.05 14.44 -26.82
C TYR B 150 -6.22 15.74 -26.05
N PHE B 151 -7.43 15.98 -25.58
CA PHE B 151 -7.72 17.11 -24.71
C PHE B 151 -9.01 16.88 -23.97
N PRO B 152 -9.12 17.26 -22.70
CA PRO B 152 -8.05 17.81 -21.85
C PRO B 152 -7.30 16.68 -21.14
N GLU B 153 -6.38 17.03 -20.26
CA GLU B 153 -5.84 16.07 -19.29
C GLU B 153 -6.94 15.64 -18.30
N PRO B 154 -6.83 14.48 -17.65
CA PRO B 154 -5.72 13.53 -17.76
C PRO B 154 -6.04 12.31 -18.62
N VAL B 155 -5.02 11.52 -18.91
CA VAL B 155 -5.21 10.14 -19.32
C VAL B 155 -4.58 9.26 -18.24
N THR B 156 -5.01 8.01 -18.19
CA THR B 156 -4.39 7.02 -17.31
C THR B 156 -3.85 5.90 -18.17
N VAL B 157 -2.56 5.62 -18.03
CA VAL B 157 -1.94 4.54 -18.75
C VAL B 157 -1.59 3.40 -17.79
N THR B 158 -1.99 2.19 -18.15
CA THR B 158 -1.53 0.99 -17.45
C THR B 158 -1.02 -0.01 -18.47
N TRP B 159 -0.33 -1.03 -17.97
CA TRP B 159 0.15 -2.13 -18.81
C TRP B 159 -0.40 -3.44 -18.25
N ASN B 160 -0.92 -4.29 -19.14
CA ASN B 160 -1.58 -5.55 -18.75
C ASN B 160 -2.53 -5.34 -17.56
N SER B 161 -3.44 -4.37 -17.76
CA SER B 161 -4.50 -4.04 -16.82
C SER B 161 -4.00 -3.68 -15.41
N GLY B 162 -2.79 -3.11 -15.34
CA GLY B 162 -2.16 -2.71 -14.11
C GLY B 162 -1.31 -3.75 -13.41
N SER B 163 -1.24 -4.97 -13.94
CA SER B 163 -0.36 -6.01 -13.38
C SER B 163 1.10 -5.85 -13.74
N LEU B 164 1.39 -5.14 -14.83
CA LEU B 164 2.74 -4.87 -15.25
C LEU B 164 3.01 -3.42 -14.85
N SER B 165 3.61 -3.28 -13.67
CA SER B 165 3.78 -2.00 -13.00
C SER B 165 5.25 -1.60 -12.83
N SER B 166 6.11 -2.58 -12.58
CA SER B 166 7.54 -2.30 -12.48
C SER B 166 8.17 -2.17 -13.85
N GLY B 167 9.22 -1.35 -13.93
CA GLY B 167 9.92 -1.10 -15.20
C GLY B 167 9.13 -0.25 -16.19
N VAL B 168 8.14 0.49 -15.70
CA VAL B 168 7.27 1.35 -16.53
C VAL B 168 7.69 2.78 -16.33
N HIS B 169 7.78 3.54 -17.41
CA HIS B 169 7.90 5.01 -17.32
C HIS B 169 6.79 5.61 -18.15
N THR B 170 5.87 6.31 -17.50
CA THR B 170 4.85 7.06 -18.19
C THR B 170 5.17 8.55 -18.07
N PHE B 171 5.48 9.18 -19.20
CA PHE B 171 6.05 10.49 -19.22
C PHE B 171 4.97 11.55 -19.07
N PRO B 172 5.33 12.71 -18.50
CA PRO B 172 4.33 13.78 -18.44
C PRO B 172 3.89 14.21 -19.82
N ALA B 173 2.62 14.52 -19.91
CA ALA B 173 2.05 15.01 -21.17
C ALA B 173 2.59 16.38 -21.52
N VAL B 174 2.69 16.64 -22.81
CA VAL B 174 3.14 17.93 -23.30
C VAL B 174 2.03 18.50 -24.19
N LEU B 175 1.77 19.80 -24.00
CA LEU B 175 0.71 20.49 -24.72
C LEU B 175 1.32 21.21 -25.91
N GLN B 176 0.80 20.88 -27.11
CA GLN B 176 1.23 21.47 -28.40
C GLN B 176 -0.02 21.71 -29.28
N SER B 177 -0.21 22.93 -29.79
CA SER B 177 -1.36 23.27 -30.65
C SER B 177 -2.69 22.88 -29.98
N ASP B 178 -2.79 23.14 -28.68
CA ASP B 178 -3.99 22.84 -27.87
C ASP B 178 -4.36 21.33 -27.76
N LEU B 179 -3.39 20.45 -28.01
CA LEU B 179 -3.60 19.02 -27.81
C LEU B 179 -2.42 18.44 -27.07
N TYR B 180 -2.70 17.45 -26.23
CA TYR B 180 -1.66 16.76 -25.47
C TYR B 180 -1.13 15.53 -26.17
N THR B 181 0.13 15.23 -25.90
CA THR B 181 0.74 13.97 -26.27
C THR B 181 1.56 13.45 -25.11
N LEU B 182 1.50 12.14 -24.90
CA LEU B 182 2.41 11.49 -23.99
C LEU B 182 2.80 10.14 -24.51
N SER B 183 3.83 9.57 -23.90
CA SER B 183 4.25 8.22 -24.21
C SER B 183 4.49 7.46 -22.91
N SER B 184 4.54 6.14 -23.01
CA SER B 184 4.80 5.25 -21.86
C SER B 184 5.70 4.14 -22.39
N SER B 185 6.76 3.82 -21.66
CA SER B 185 7.64 2.69 -22.02
C SER B 185 7.52 1.63 -20.94
N VAL B 186 7.74 0.39 -21.35
CA VAL B 186 7.83 -0.72 -20.36
C VAL B 186 8.94 -1.62 -20.83
N THR B 187 9.69 -2.15 -19.88
CA THR B 187 10.81 -3.02 -20.18
C THR B 187 10.53 -4.37 -19.54
N VAL B 188 10.61 -5.41 -20.38
CA VAL B 188 10.28 -6.78 -19.96
C VAL B 188 11.34 -7.74 -20.49
N PRO B 189 11.45 -8.94 -19.88
CA PRO B 189 12.44 -9.88 -20.43
C PRO B 189 12.15 -10.33 -21.86
N SER B 190 13.21 -10.47 -22.66
CA SER B 190 13.08 -10.96 -24.05
C SER B 190 12.55 -12.38 -24.16
N SER B 191 12.73 -13.16 -23.11
CA SER B 191 12.17 -14.50 -23.04
C SER B 191 10.68 -14.51 -22.64
N THR B 192 10.09 -13.33 -22.40
CA THR B 192 8.69 -13.23 -22.02
C THR B 192 7.87 -12.77 -23.24
N TRP B 193 8.18 -11.60 -23.77
CA TRP B 193 7.47 -11.04 -24.92
C TRP B 193 8.28 -11.44 -26.16
N PRO B 194 7.65 -11.82 -27.26
CA PRO B 194 6.20 -11.80 -27.51
C PRO B 194 5.38 -13.06 -27.13
N SER B 195 5.99 -14.06 -26.51
CA SER B 195 5.24 -15.28 -26.10
C SER B 195 4.09 -14.91 -25.17
N GLU B 196 4.35 -13.95 -24.28
CA GLU B 196 3.38 -13.42 -23.36
C GLU B 196 2.91 -12.08 -23.90
N THR B 197 1.59 -11.87 -23.92
CA THR B 197 1.01 -10.66 -24.47
C THR B 197 1.34 -9.45 -23.57
N VAL B 198 1.66 -8.32 -24.20
CA VAL B 198 1.87 -7.06 -23.51
C VAL B 198 0.95 -6.06 -24.22
N THR B 199 0.10 -5.42 -23.41
CA THR B 199 -0.96 -4.53 -23.88
C THR B 199 -0.93 -3.26 -23.05
N CYS B 200 -0.97 -2.09 -23.70
CA CYS B 200 -1.15 -0.85 -22.96
C CYS B 200 -2.64 -0.50 -22.93
N ASN B 201 -3.12 -0.08 -21.77
CA ASN B 201 -4.50 0.31 -21.56
C ASN B 201 -4.51 1.81 -21.34
N VAL B 202 -5.28 2.52 -22.15
CA VAL B 202 -5.32 3.97 -22.07
C VAL B 202 -6.76 4.44 -21.87
N ALA B 203 -7.01 5.13 -20.77
CA ALA B 203 -8.32 5.71 -20.46
C ALA B 203 -8.25 7.23 -20.56
N HIS B 204 -9.25 7.82 -21.22
CA HIS B 204 -9.40 9.26 -21.29
C HIS B 204 -10.84 9.57 -20.83
N PRO B 205 -11.04 9.74 -19.51
CA PRO B 205 -12.39 9.90 -18.93
C PRO B 205 -13.24 10.98 -19.60
N ALA B 206 -12.61 12.10 -19.97
CA ALA B 206 -13.35 13.23 -20.55
C ALA B 206 -14.04 12.89 -21.87
N SER B 207 -13.47 11.99 -22.67
CA SER B 207 -14.08 11.52 -23.91
C SER B 207 -14.72 10.13 -23.77
N SER B 208 -14.83 9.62 -22.54
CA SER B 208 -15.28 8.25 -22.28
C SER B 208 -14.59 7.18 -23.14
N THR B 209 -13.29 7.38 -23.40
CA THR B 209 -12.51 6.48 -24.24
C THR B 209 -11.70 5.49 -23.39
N LYS B 210 -11.64 4.26 -23.87
CA LYS B 210 -10.88 3.14 -23.28
C LYS B 210 -10.31 2.41 -24.48
N VAL B 211 -8.99 2.39 -24.61
CA VAL B 211 -8.34 1.64 -25.69
C VAL B 211 -7.35 0.68 -25.05
N ASP B 212 -7.33 -0.55 -25.55
CA ASP B 212 -6.30 -1.53 -25.23
C ASP B 212 -5.54 -1.75 -26.52
N LYS B 213 -4.22 -1.54 -26.50
CA LYS B 213 -3.41 -1.73 -27.70
C LYS B 213 -2.36 -2.79 -27.41
N LYS B 214 -2.52 -3.93 -28.07
CA LYS B 214 -1.55 -4.98 -27.96
C LYS B 214 -0.29 -4.59 -28.74
N ILE B 215 0.87 -4.84 -28.12
CA ILE B 215 2.13 -4.61 -28.79
C ILE B 215 2.51 -5.90 -29.53
N VAL B 216 2.47 -5.84 -30.87
CA VAL B 216 2.76 -6.99 -31.73
C VAL B 216 4.12 -6.80 -32.42
N PRO B 217 4.92 -7.88 -32.54
CA PRO B 217 6.20 -7.73 -33.23
C PRO B 217 5.98 -7.27 -34.68
N ARG B 218 6.90 -6.48 -35.21
CA ARG B 218 6.70 -5.89 -36.54
C ARG B 218 6.90 -6.93 -37.65
N ASP C 1 4.28 -38.63 -4.14
CA ASP C 1 4.30 -37.14 -4.10
C ASP C 1 5.71 -36.62 -3.87
N VAL C 2 6.02 -35.46 -4.42
CA VAL C 2 7.31 -34.83 -4.18
C VAL C 2 7.27 -34.21 -2.79
N LEU C 3 8.20 -34.61 -1.94
CA LEU C 3 8.33 -34.06 -0.58
C LEU C 3 9.29 -32.89 -0.69
N MET C 4 8.87 -31.72 -0.18
CA MET C 4 9.72 -30.52 -0.13
C MET C 4 10.13 -30.28 1.32
N THR C 5 11.43 -30.34 1.59
CA THR C 5 11.94 -30.18 2.95
C THR C 5 12.75 -28.90 3.07
N GLN C 6 12.29 -27.99 3.92
CA GLN C 6 12.99 -26.74 4.18
C GLN C 6 13.82 -26.77 5.43
N THR C 7 14.95 -26.07 5.38
CA THR C 7 15.78 -25.85 6.54
C THR C 7 16.40 -24.44 6.48
N PRO C 8 16.56 -23.77 7.62
CA PRO C 8 16.12 -24.23 8.93
C PRO C 8 14.62 -23.97 9.15
N LEU C 9 14.09 -24.44 10.28
CA LEU C 9 12.70 -24.13 10.64
C LEU C 9 12.56 -22.66 11.03
N SER C 10 13.57 -22.14 11.70
CA SER C 10 13.59 -20.78 12.23
C SER C 10 14.95 -20.18 11.96
N LEU C 11 14.98 -18.91 11.58
CA LEU C 11 16.22 -18.23 11.21
C LEU C 11 16.27 -16.80 11.76
N PRO C 12 17.01 -16.58 12.87
CA PRO C 12 17.19 -15.19 13.34
C PRO C 12 18.31 -14.48 12.56
N VAL C 13 18.12 -13.21 12.24
CA VAL C 13 19.08 -12.45 11.42
C VAL C 13 19.07 -11.01 11.87
N SER C 14 20.26 -10.38 11.87
CA SER C 14 20.38 -8.96 12.17
C SER C 14 20.05 -8.14 10.94
N LEU C 15 19.57 -6.92 11.18
CA LEU C 15 19.33 -5.99 10.09
C LEU C 15 20.61 -5.78 9.28
N GLY C 16 20.47 -5.74 7.96
CA GLY C 16 21.61 -5.59 7.06
C GLY C 16 22.40 -6.83 6.70
N ASP C 17 22.22 -7.94 7.43
CA ASP C 17 22.91 -9.20 7.13
C ASP C 17 22.16 -10.01 6.08
N GLN C 18 22.76 -11.12 5.67
CA GLN C 18 22.18 -12.01 4.67
C GLN C 18 21.54 -13.25 5.33
N ALA C 19 20.35 -13.61 4.84
CA ALA C 19 19.69 -14.83 5.27
C ALA C 19 19.72 -15.81 4.12
N SER C 20 19.98 -17.07 4.45
CA SER C 20 19.99 -18.14 3.47
C SER C 20 19.07 -19.29 3.91
N ILE C 21 18.18 -19.68 2.99
CA ILE C 21 17.13 -20.63 3.26
C ILE C 21 17.20 -21.74 2.21
N SER C 22 17.16 -22.99 2.67
CA SER C 22 17.31 -24.17 1.82
C SER C 22 15.99 -24.94 1.63
N CYS C 23 15.80 -25.49 0.44
CA CYS C 23 14.66 -26.32 0.11
C CYS C 23 15.18 -27.50 -0.71
N ARG C 24 14.94 -28.72 -0.25
CA ARG C 24 15.30 -29.92 -0.98
C ARG C 24 14.06 -30.67 -1.38
N SER C 25 14.04 -31.16 -2.62
CA SER C 25 12.95 -31.97 -3.13
C SER C 25 13.35 -33.43 -3.10
N SER C 26 12.40 -34.31 -2.85
CA SER C 26 12.68 -35.76 -2.74
C SER C 26 12.98 -36.42 -4.10
N GLN C 27 12.65 -35.75 -5.20
CA GLN C 27 12.99 -36.17 -6.56
C GLN C 27 13.12 -34.91 -7.41
N THR C 28 13.58 -35.09 -8.66
CA THR C 28 13.72 -33.97 -9.57
C THR C 28 12.35 -33.39 -9.91
N ILE C 29 12.37 -32.11 -10.29
CA ILE C 29 11.13 -31.33 -10.50
C ILE C 29 11.19 -30.54 -11.80
N VAL C 30 11.51 -31.25 -12.88
CA VAL C 30 11.48 -30.68 -14.22
C VAL C 30 10.13 -31.07 -14.81
N HIS C 31 9.30 -30.06 -15.11
CA HIS C 31 8.01 -30.26 -15.78
C HIS C 31 8.29 -30.83 -17.18
N LYS C 32 7.33 -31.54 -17.75
CA LYS C 32 7.48 -32.07 -19.11
C LYS C 32 7.72 -30.99 -20.19
N ASN C 33 7.35 -29.73 -19.92
CA ASN C 33 7.55 -28.64 -20.84
C ASN C 33 8.94 -28.04 -20.72
N GLY C 34 9.76 -28.57 -19.80
CA GLY C 34 11.16 -28.18 -19.68
C GLY C 34 11.43 -27.22 -18.54
N ASN C 35 10.39 -26.55 -18.05
CA ASN C 35 10.53 -25.58 -16.97
C ASN C 35 10.63 -26.27 -15.61
N THR C 36 11.40 -25.65 -14.70
CA THR C 36 11.49 -26.09 -13.32
C THR C 36 10.64 -25.10 -12.49
N TYR C 37 9.43 -25.52 -12.13
CA TYR C 37 8.51 -24.63 -11.42
C TYR C 37 8.78 -24.67 -9.92
N LEU C 38 9.92 -24.15 -9.53
CA LEU C 38 10.25 -23.96 -8.13
C LEU C 38 9.97 -22.50 -7.83
N GLU C 39 9.08 -22.25 -6.88
CA GLU C 39 8.70 -20.90 -6.47
C GLU C 39 8.97 -20.69 -4.99
N TRP C 40 9.35 -19.45 -4.65
CA TRP C 40 9.53 -19.01 -3.27
C TRP C 40 8.47 -17.95 -2.94
N TYR C 41 7.80 -18.15 -1.80
CA TYR C 41 6.76 -17.25 -1.26
C TYR C 41 7.18 -16.68 0.08
N LEU C 42 6.75 -15.45 0.38
CA LEU C 42 6.84 -14.88 1.72
C LEU C 42 5.43 -14.57 2.20
N GLN C 43 5.12 -15.06 3.39
CA GLN C 43 3.88 -14.74 4.06
C GLN C 43 4.18 -13.86 5.27
N LYS C 44 3.87 -12.57 5.15
CA LYS C 44 4.02 -11.63 6.26
C LYS C 44 2.88 -11.81 7.27
N PRO C 45 3.13 -11.45 8.56
CA PRO C 45 2.06 -11.57 9.56
C PRO C 45 0.76 -10.88 9.13
N GLY C 46 -0.33 -11.61 9.23
CA GLY C 46 -1.65 -11.09 8.88
C GLY C 46 -2.00 -11.09 7.40
N GLN C 47 -1.09 -11.58 6.54
CA GLN C 47 -1.26 -11.49 5.10
C GLN C 47 -1.28 -12.86 4.43
N SER C 48 -1.70 -12.87 3.18
CA SER C 48 -1.57 -13.99 2.27
C SER C 48 -0.11 -14.12 1.82
N PRO C 49 0.32 -15.33 1.42
CA PRO C 49 1.63 -15.47 0.76
C PRO C 49 1.72 -14.62 -0.49
N LYS C 50 2.95 -14.16 -0.79
CA LYS C 50 3.23 -13.38 -1.98
C LYS C 50 4.41 -13.96 -2.69
N LEU C 51 4.32 -14.06 -4.02
CA LEU C 51 5.41 -14.60 -4.82
C LEU C 51 6.65 -13.70 -4.82
N LEU C 52 7.80 -14.31 -4.53
CA LEU C 52 9.09 -13.64 -4.65
C LEU C 52 9.87 -14.08 -5.88
N ILE C 53 10.02 -15.39 -6.05
CA ILE C 53 10.88 -15.97 -7.07
C ILE C 53 10.07 -17.05 -7.78
N TYR C 54 10.17 -17.07 -9.11
CA TYR C 54 9.53 -18.11 -9.92
C TYR C 54 10.59 -18.76 -10.84
N LYS C 55 10.28 -19.98 -11.30
CA LYS C 55 11.19 -20.78 -12.10
C LYS C 55 12.62 -20.75 -11.55
N VAL C 56 12.72 -21.04 -10.26
CA VAL C 56 13.99 -21.22 -9.52
C VAL C 56 14.71 -19.93 -9.20
N SER C 57 15.03 -19.17 -10.23
CA SER C 57 15.85 -17.99 -10.09
C SER C 57 15.38 -16.66 -10.64
N ASN C 58 14.11 -16.54 -10.99
CA ASN C 58 13.63 -15.29 -11.55
C ASN C 58 12.84 -14.46 -10.56
N ARG C 59 13.24 -13.21 -10.36
CA ARG C 59 12.52 -12.37 -9.43
C ARG C 59 11.23 -11.93 -10.07
N PHE C 60 10.13 -12.09 -9.34
CA PHE C 60 8.85 -11.67 -9.86
C PHE C 60 8.84 -10.15 -9.97
N SER C 61 8.20 -9.66 -11.01
CA SER C 61 8.11 -8.23 -11.27
C SER C 61 7.73 -7.48 -10.00
N GLY C 62 8.56 -6.51 -9.61
CA GLY C 62 8.31 -5.72 -8.40
C GLY C 62 9.03 -6.15 -7.14
N VAL C 63 9.62 -7.35 -7.15
CA VAL C 63 10.29 -7.87 -5.98
C VAL C 63 11.68 -7.22 -5.92
N PRO C 64 12.09 -6.70 -4.75
CA PRO C 64 13.41 -6.09 -4.57
C PRO C 64 14.59 -6.97 -4.96
N ASP C 65 15.66 -6.33 -5.45
CA ASP C 65 16.89 -7.01 -5.91
C ASP C 65 17.60 -7.85 -4.84
N ARG C 66 17.31 -7.55 -3.57
CA ARG C 66 17.86 -8.28 -2.41
C ARG C 66 17.46 -9.75 -2.32
N PHE C 67 16.37 -10.14 -2.97
CA PHE C 67 15.92 -11.53 -2.96
C PHE C 67 16.45 -12.24 -4.20
N SER C 68 17.12 -13.36 -4.01
CA SER C 68 17.65 -14.16 -5.12
C SER C 68 17.45 -15.65 -4.89
N GLY C 69 17.07 -16.36 -5.95
CA GLY C 69 16.86 -17.80 -5.93
C GLY C 69 17.92 -18.50 -6.76
N SER C 70 18.32 -19.69 -6.34
CA SER C 70 19.23 -20.52 -7.12
C SER C 70 19.04 -22.00 -6.85
N GLY C 71 19.76 -22.83 -7.59
CA GLY C 71 19.80 -24.27 -7.37
C GLY C 71 19.40 -25.06 -8.60
N SER C 72 19.45 -26.38 -8.45
CA SER C 72 19.13 -27.31 -9.53
C SER C 72 18.98 -28.71 -8.99
N GLY C 73 18.39 -29.58 -9.80
CA GLY C 73 18.20 -30.96 -9.42
C GLY C 73 17.21 -31.06 -8.29
N THR C 74 17.73 -31.31 -7.09
CA THR C 74 16.93 -31.48 -5.88
C THR C 74 17.31 -30.49 -4.76
N ASP C 75 18.16 -29.50 -5.05
CA ASP C 75 18.73 -28.59 -4.04
C ASP C 75 18.52 -27.14 -4.45
N PHE C 76 17.73 -26.40 -3.68
CA PHE C 76 17.37 -25.01 -4.00
C PHE C 76 17.57 -24.10 -2.81
N THR C 77 17.89 -22.84 -3.09
CA THR C 77 18.26 -21.87 -2.06
C THR C 77 17.64 -20.50 -2.36
N LEU C 78 17.10 -19.86 -1.32
CA LEU C 78 16.72 -18.46 -1.37
C LEU C 78 17.69 -17.67 -0.50
N LYS C 79 18.26 -16.60 -1.05
CA LYS C 79 19.09 -15.68 -0.29
C LYS C 79 18.44 -14.33 -0.21
N ILE C 80 18.40 -13.76 0.99
CA ILE C 80 17.88 -12.40 1.20
C ILE C 80 19.05 -11.55 1.70
N SER C 81 19.53 -10.64 0.85
CA SER C 81 20.62 -9.74 1.23
C SER C 81 20.11 -8.52 1.95
N ARG C 82 20.94 -7.89 2.77
CA ARG C 82 20.62 -6.59 3.38
C ARG C 82 19.21 -6.62 4.01
N VAL C 83 19.00 -7.60 4.88
CA VAL C 83 17.66 -7.87 5.47
C VAL C 83 17.11 -6.61 6.12
N GLU C 84 15.83 -6.35 5.86
CA GLU C 84 15.07 -5.25 6.47
C GLU C 84 14.00 -5.81 7.40
N ALA C 85 13.55 -5.01 8.36
CA ALA C 85 12.51 -5.44 9.34
C ALA C 85 11.25 -5.98 8.65
N ALA C 86 10.90 -5.36 7.52
CA ALA C 86 9.72 -5.76 6.75
C ALA C 86 9.85 -7.12 6.06
N ASP C 87 11.04 -7.72 6.03
CA ASP C 87 11.24 -9.07 5.47
C ASP C 87 10.82 -10.19 6.41
N LEU C 88 10.42 -9.90 7.64
CA LEU C 88 10.04 -10.97 8.55
C LEU C 88 8.77 -11.64 8.11
N GLY C 89 8.63 -12.89 8.53
CA GLY C 89 7.50 -13.71 8.20
C GLY C 89 7.94 -15.11 7.90
N VAL C 90 7.08 -15.86 7.23
CA VAL C 90 7.37 -17.25 6.93
C VAL C 90 7.60 -17.40 5.42
N TYR C 91 8.75 -17.96 5.07
CA TYR C 91 9.14 -18.21 3.68
C TYR C 91 8.85 -19.66 3.34
N TYR C 92 8.22 -19.90 2.17
CA TYR C 92 7.85 -21.22 1.73
C TYR C 92 8.38 -21.47 0.33
N CYS C 93 8.92 -22.67 0.07
CA CYS C 93 9.14 -23.10 -1.30
C CYS C 93 7.95 -23.92 -1.77
N PHE C 94 7.84 -24.05 -3.09
CA PHE C 94 6.73 -24.70 -3.75
C PHE C 94 7.23 -25.32 -5.06
N GLN C 95 6.85 -26.55 -5.34
CA GLN C 95 7.11 -27.14 -6.65
C GLN C 95 5.78 -27.33 -7.37
N GLY C 96 5.75 -26.85 -8.62
CA GLY C 96 4.61 -27.02 -9.51
C GLY C 96 4.94 -27.81 -10.77
N SER C 97 5.91 -28.72 -10.67
CA SER C 97 6.33 -29.52 -11.84
C SER C 97 5.64 -30.87 -11.95
N HIS C 98 5.38 -31.52 -10.80
CA HIS C 98 4.72 -32.84 -10.78
C HIS C 98 3.52 -32.82 -9.85
N VAL C 99 2.35 -33.16 -10.40
CA VAL C 99 1.12 -33.21 -9.62
C VAL C 99 1.21 -34.39 -8.64
N PRO C 100 0.78 -34.25 -7.38
CA PRO C 100 0.23 -33.02 -6.80
C PRO C 100 1.30 -32.02 -6.44
N TYR C 101 1.03 -30.75 -6.70
CA TYR C 101 2.00 -29.73 -6.37
C TYR C 101 2.12 -29.64 -4.86
N THR C 102 3.32 -29.34 -4.38
CA THR C 102 3.61 -29.42 -2.95
C THR C 102 4.42 -28.23 -2.45
N PHE C 103 4.20 -27.91 -1.18
CA PHE C 103 4.93 -26.86 -0.47
C PHE C 103 5.88 -27.42 0.57
N GLY C 104 6.98 -26.70 0.77
CA GLY C 104 7.78 -26.88 1.98
C GLY C 104 7.04 -26.49 3.24
N GLY C 105 7.62 -26.85 4.38
CA GLY C 105 7.04 -26.60 5.68
C GLY C 105 7.12 -25.17 6.20
N GLY C 106 7.99 -24.37 5.60
CA GLY C 106 8.17 -22.98 5.96
C GLY C 106 9.41 -22.75 6.80
N THR C 107 9.99 -21.57 6.64
CA THR C 107 11.10 -21.09 7.46
C THR C 107 10.69 -19.72 7.98
N LYS C 108 10.65 -19.56 9.30
CA LYS C 108 10.29 -18.27 9.91
C LYS C 108 11.54 -17.44 10.08
N LEU C 109 11.56 -16.28 9.43
CA LEU C 109 12.65 -15.33 9.54
C LEU C 109 12.34 -14.44 10.73
N GLU C 110 13.24 -14.39 11.70
CA GLU C 110 13.09 -13.53 12.87
C GLU C 110 14.15 -12.45 12.84
N ILE C 111 13.77 -11.23 13.18
CA ILE C 111 14.70 -10.12 13.17
C ILE C 111 15.29 -10.00 14.58
N LYS C 112 16.61 -9.92 14.67
CA LYS C 112 17.29 -9.57 15.92
C LYS C 112 17.26 -8.08 16.14
N ARG C 113 17.18 -7.67 17.39
CA ARG C 113 17.25 -6.27 17.76
C ARG C 113 17.70 -6.19 19.21
N ALA C 114 17.90 -4.97 19.69
CA ALA C 114 18.27 -4.74 21.08
C ALA C 114 17.12 -5.13 22.01
N ASP C 115 17.46 -5.59 23.19
CA ASP C 115 16.48 -5.93 24.22
C ASP C 115 15.59 -4.74 24.52
N ALA C 116 14.30 -5.01 24.77
CA ALA C 116 13.33 -3.97 25.10
C ALA C 116 12.37 -4.54 26.14
N ALA C 117 12.15 -3.78 27.22
CA ALA C 117 11.31 -4.26 28.31
C ALA C 117 9.85 -4.09 27.91
N PRO C 118 8.97 -4.95 28.44
CA PRO C 118 7.55 -4.78 28.11
C PRO C 118 6.93 -3.53 28.74
N THR C 119 6.00 -2.93 28.04
CA THR C 119 5.12 -1.91 28.58
C THR C 119 3.89 -2.64 29.08
N VAL C 120 3.67 -2.61 30.40
CA VAL C 120 2.65 -3.41 31.04
C VAL C 120 1.48 -2.52 31.45
N SER C 121 0.25 -2.94 31.11
CA SER C 121 -0.96 -2.20 31.48
C SER C 121 -1.99 -3.19 32.00
N ILE C 122 -2.65 -2.84 33.12
CA ILE C 122 -3.70 -3.68 33.71
C ILE C 122 -5.04 -2.95 33.66
N PHE C 123 -6.11 -3.71 33.42
CA PHE C 123 -7.46 -3.16 33.28
C PHE C 123 -8.45 -3.97 34.13
N PRO C 124 -9.14 -3.30 35.06
CA PRO C 124 -10.21 -3.99 35.78
C PRO C 124 -11.36 -4.32 34.84
N PRO C 125 -12.27 -5.21 35.26
CA PRO C 125 -13.48 -5.44 34.48
C PRO C 125 -14.21 -4.13 34.19
N SER C 126 -14.77 -4.04 33.00
CA SER C 126 -15.56 -2.87 32.62
C SER C 126 -16.87 -2.88 33.39
N SER C 127 -17.43 -1.70 33.62
CA SER C 127 -18.73 -1.63 34.29
C SER C 127 -19.77 -2.41 33.49
N GLU C 128 -19.69 -2.32 32.15
CA GLU C 128 -20.62 -3.03 31.26
C GLU C 128 -20.53 -4.54 31.44
N GLN C 129 -19.32 -5.09 31.54
CA GLN C 129 -19.17 -6.53 31.74
C GLN C 129 -19.71 -6.95 33.11
N LEU C 130 -19.38 -6.19 34.16
CA LEU C 130 -19.88 -6.48 35.51
C LEU C 130 -21.42 -6.51 35.55
N THR C 131 -22.05 -5.60 34.84
CA THR C 131 -23.52 -5.58 34.72
C THR C 131 -24.07 -6.87 34.12
N SER C 132 -23.38 -7.45 33.14
CA SER C 132 -23.78 -8.74 32.56
C SER C 132 -23.41 -9.98 33.42
N GLY C 133 -22.75 -9.80 34.56
CA GLY C 133 -22.39 -10.90 35.47
C GLY C 133 -20.99 -11.49 35.31
N GLY C 134 -20.19 -10.95 34.39
CA GLY C 134 -18.80 -11.42 34.18
C GLY C 134 -17.74 -10.48 34.73
N ALA C 135 -16.53 -11.00 34.87
CA ALA C 135 -15.39 -10.20 35.32
C ALA C 135 -14.05 -10.71 34.76
N SER C 136 -13.61 -10.06 33.70
CA SER C 136 -12.33 -10.34 33.09
C SER C 136 -11.38 -9.24 33.47
N VAL C 137 -10.22 -9.62 33.96
CA VAL C 137 -9.15 -8.66 34.25
C VAL C 137 -8.09 -8.86 33.17
N VAL C 138 -7.74 -7.79 32.46
CA VAL C 138 -6.84 -7.87 31.31
C VAL C 138 -5.51 -7.19 31.58
N CYS C 139 -4.45 -7.86 31.16
CA CYS C 139 -3.11 -7.34 31.23
C CYS C 139 -2.47 -7.40 29.85
N PHE C 140 -1.97 -6.27 29.36
CA PHE C 140 -1.19 -6.23 28.14
C PHE C 140 0.28 -6.09 28.47
N LEU C 141 1.12 -6.86 27.78
CA LEU C 141 2.57 -6.76 27.92
C LEU C 141 3.09 -6.50 26.51
N ASN C 142 3.38 -5.24 26.20
CA ASN C 142 3.57 -4.83 24.81
C ASN C 142 4.99 -4.38 24.46
N ASN C 143 5.36 -4.69 23.22
CA ASN C 143 6.57 -4.21 22.55
C ASN C 143 7.86 -4.55 23.29
N PHE C 144 8.04 -5.83 23.53
CA PHE C 144 9.23 -6.36 24.21
C PHE C 144 10.08 -7.22 23.30
N TYR C 145 11.33 -7.40 23.71
CA TYR C 145 12.27 -8.24 22.96
C TYR C 145 13.35 -8.65 23.95
N PRO C 146 13.77 -9.92 24.00
CA PRO C 146 13.33 -11.01 23.12
C PRO C 146 11.96 -11.58 23.47
N LYS C 147 11.50 -12.54 22.69
CA LYS C 147 10.11 -13.01 22.76
C LYS C 147 9.75 -13.77 24.04
N ASP C 148 10.75 -14.31 24.73
CA ASP C 148 10.53 -15.15 25.91
C ASP C 148 10.06 -14.28 27.06
N ILE C 149 8.97 -14.65 27.70
CA ILE C 149 8.41 -13.85 28.79
C ILE C 149 7.50 -14.72 29.64
N ASN C 150 7.34 -14.36 30.91
CA ASN C 150 6.42 -15.07 31.78
C ASN C 150 5.52 -14.08 32.49
N VAL C 151 4.26 -14.46 32.65
CA VAL C 151 3.27 -13.64 33.33
C VAL C 151 2.67 -14.45 34.48
N LYS C 152 2.55 -13.80 35.63
CA LYS C 152 1.93 -14.40 36.81
C LYS C 152 0.85 -13.47 37.33
N TRP C 153 -0.29 -14.05 37.70
CA TRP C 153 -1.36 -13.31 38.36
C TRP C 153 -1.32 -13.59 39.86
N LYS C 154 -1.52 -12.55 40.66
CA LYS C 154 -1.76 -12.69 42.10
C LYS C 154 -3.06 -12.01 42.50
N ILE C 155 -3.87 -12.72 43.28
CA ILE C 155 -5.11 -12.20 43.83
C ILE C 155 -4.92 -12.16 45.36
N ASP C 156 -4.97 -10.95 45.93
CA ASP C 156 -4.68 -10.74 47.36
C ASP C 156 -3.40 -11.46 47.78
N GLY C 157 -2.37 -11.29 46.96
CA GLY C 157 -1.05 -11.87 47.23
C GLY C 157 -0.82 -13.32 46.86
N SER C 158 -1.86 -14.07 46.51
CA SER C 158 -1.74 -15.49 46.20
C SER C 158 -1.77 -15.71 44.70
N GLU C 159 -0.81 -16.49 44.21
CA GLU C 159 -0.71 -16.83 42.80
C GLU C 159 -1.98 -17.56 42.30
N ARG C 160 -2.49 -17.14 41.15
CA ARG C 160 -3.68 -17.67 40.55
C ARG C 160 -3.30 -18.17 39.15
N GLN C 161 -3.52 -19.46 38.91
CA GLN C 161 -3.24 -20.10 37.63
C GLN C 161 -4.50 -20.39 36.82
N ASN C 162 -5.53 -20.87 37.49
CA ASN C 162 -6.75 -21.27 36.80
C ASN C 162 -7.50 -20.06 36.27
N GLY C 163 -8.03 -20.19 35.05
CA GLY C 163 -8.82 -19.17 34.40
C GLY C 163 -8.02 -18.10 33.67
N VAL C 164 -6.72 -18.30 33.50
CA VAL C 164 -5.86 -17.35 32.76
C VAL C 164 -5.73 -17.80 31.31
N LEU C 165 -6.00 -16.88 30.39
CA LEU C 165 -5.84 -17.12 28.95
C LEU C 165 -4.85 -16.14 28.38
N ASN C 166 -3.85 -16.68 27.70
CA ASN C 166 -2.76 -15.90 27.16
C ASN C 166 -2.78 -15.97 25.65
N SER C 167 -2.29 -14.90 25.04
CA SER C 167 -2.22 -14.84 23.58
C SER C 167 -1.05 -13.96 23.20
N TRP C 168 -0.39 -14.33 22.09
CA TRP C 168 0.85 -13.70 21.66
C TRP C 168 0.76 -13.22 20.22
N THR C 169 1.28 -12.03 19.92
CA THR C 169 1.37 -11.55 18.54
C THR C 169 2.57 -12.16 17.85
N ASP C 170 2.56 -12.13 16.52
CA ASP C 170 3.76 -12.37 15.72
C ASP C 170 4.71 -11.20 15.92
N GLN C 171 5.94 -11.34 15.43
CA GLN C 171 6.86 -10.22 15.49
C GLN C 171 6.36 -9.02 14.69
N ASP C 172 6.56 -7.83 15.24
CA ASP C 172 6.08 -6.61 14.63
C ASP C 172 7.04 -6.14 13.53
N SER C 173 6.52 -5.88 12.33
CA SER C 173 7.36 -5.47 11.19
C SER C 173 7.91 -4.03 11.27
N LYS C 174 7.39 -3.20 12.17
CA LYS C 174 7.87 -1.82 12.32
C LYS C 174 9.06 -1.75 13.26
N ASP C 175 8.93 -2.38 14.43
CA ASP C 175 9.96 -2.26 15.47
C ASP C 175 10.58 -3.60 15.91
N SER C 176 10.21 -4.70 15.27
CA SER C 176 10.78 -6.02 15.56
C SER C 176 10.54 -6.53 16.99
N THR C 177 9.50 -6.03 17.65
CA THR C 177 9.16 -6.48 19.00
C THR C 177 8.00 -7.48 19.01
N TYR C 178 7.74 -8.03 20.20
CA TYR C 178 6.65 -8.96 20.47
C TYR C 178 5.70 -8.38 21.49
N SER C 179 4.44 -8.85 21.47
CA SER C 179 3.47 -8.44 22.48
C SER C 179 2.65 -9.64 22.96
N MET C 180 2.05 -9.48 24.13
CA MET C 180 1.28 -10.54 24.77
C MET C 180 0.11 -9.96 25.53
N SER C 181 -1.01 -10.68 25.51
CA SER C 181 -2.17 -10.36 26.34
C SER C 181 -2.37 -11.52 27.34
N SER C 182 -2.71 -11.17 28.58
CA SER C 182 -3.07 -12.18 29.59
C SER C 182 -4.37 -11.75 30.24
N THR C 183 -5.35 -12.65 30.25
CA THR C 183 -6.69 -12.31 30.71
C THR C 183 -7.07 -13.30 31.79
N LEU C 184 -7.37 -12.79 32.99
CA LEU C 184 -7.83 -13.59 34.09
C LEU C 184 -9.33 -13.47 34.10
N THR C 185 -10.06 -14.56 33.87
CA THR C 185 -11.50 -14.51 33.90
C THR C 185 -12.07 -15.17 35.14
N LEU C 186 -12.95 -14.43 35.80
CA LEU C 186 -13.67 -14.85 36.99
C LEU C 186 -15.14 -14.53 36.86
N THR C 187 -15.96 -15.11 37.70
CA THR C 187 -17.36 -14.68 37.80
C THR C 187 -17.35 -13.37 38.58
N LYS C 188 -18.40 -12.56 38.40
CA LYS C 188 -18.55 -11.34 39.17
C LYS C 188 -18.44 -11.63 40.68
N ASP C 189 -19.08 -12.70 41.11
CA ASP C 189 -19.08 -13.07 42.53
C ASP C 189 -17.68 -13.41 43.05
N GLU C 190 -16.89 -14.20 42.29
CA GLU C 190 -15.50 -14.46 42.68
C GLU C 190 -14.69 -13.16 42.71
N TYR C 191 -14.86 -12.37 41.66
CA TYR C 191 -14.17 -11.10 41.53
C TYR C 191 -14.41 -10.20 42.76
N GLU C 192 -15.68 -10.11 43.16
CA GLU C 192 -16.05 -9.24 44.28
C GLU C 192 -15.70 -9.81 45.67
N ARG C 193 -15.23 -11.04 45.75
CA ARG C 193 -14.70 -11.65 47.00
C ARG C 193 -13.30 -11.14 47.36
N HIS C 194 -12.57 -10.58 46.40
CA HIS C 194 -11.17 -10.20 46.62
C HIS C 194 -10.93 -8.74 46.29
N ASN C 195 -9.79 -8.23 46.74
CA ASN C 195 -9.47 -6.83 46.60
C ASN C 195 -8.29 -6.54 45.65
N SER C 196 -7.13 -7.10 45.92
CA SER C 196 -5.91 -6.77 45.18
C SER C 196 -5.75 -7.69 43.97
N TYR C 197 -5.58 -7.11 42.78
CA TYR C 197 -5.33 -7.86 41.54
C TYR C 197 -4.02 -7.39 40.92
N THR C 198 -3.12 -8.34 40.65
CA THR C 198 -1.77 -8.04 40.20
C THR C 198 -1.35 -8.90 38.99
N CYS C 199 -0.84 -8.23 37.95
CA CYS C 199 -0.20 -8.84 36.78
C CYS C 199 1.31 -8.64 36.94
N GLU C 200 2.07 -9.72 36.99
CA GLU C 200 3.54 -9.64 37.15
C GLU C 200 4.25 -10.23 35.92
N ALA C 201 5.08 -9.43 35.27
CA ALA C 201 5.86 -9.89 34.11
C ALA C 201 7.33 -10.12 34.46
N THR C 202 7.86 -11.27 34.09
CA THR C 202 9.28 -11.57 34.19
C THR C 202 9.90 -11.64 32.80
N HIS C 203 10.91 -10.80 32.57
CA HIS C 203 11.57 -10.67 31.29
C HIS C 203 13.05 -10.40 31.56
N LYS C 204 13.93 -10.81 30.65
CA LYS C 204 15.38 -10.68 30.90
C LYS C 204 15.89 -9.22 31.04
N THR C 205 15.10 -8.25 30.62
CA THR C 205 15.42 -6.83 30.74
C THR C 205 15.39 -6.23 32.15
N SER C 206 14.75 -6.93 33.09
CA SER C 206 14.73 -6.47 34.49
C SER C 206 15.01 -7.63 35.42
N THR C 207 15.71 -7.29 36.51
CA THR C 207 16.07 -8.24 37.54
C THR C 207 14.83 -8.65 38.34
N SER C 208 14.04 -7.63 38.67
CA SER C 208 12.77 -7.80 39.37
C SER C 208 11.62 -7.90 38.36
N PRO C 209 10.54 -8.63 38.71
CA PRO C 209 9.36 -8.58 37.84
C PRO C 209 8.73 -7.19 37.73
N ILE C 210 8.09 -6.94 36.59
CA ILE C 210 7.36 -5.69 36.37
C ILE C 210 5.95 -5.94 36.84
N VAL C 211 5.47 -5.10 37.75
CA VAL C 211 4.22 -5.31 38.47
C VAL C 211 3.27 -4.18 38.13
N LYS C 212 2.05 -4.56 37.74
CA LYS C 212 0.96 -3.62 37.66
C LYS C 212 -0.17 -4.20 38.47
N SER C 213 -0.86 -3.34 39.22
CA SER C 213 -1.84 -3.79 40.16
C SER C 213 -2.95 -2.78 40.35
N PHE C 214 -4.08 -3.24 40.85
CA PHE C 214 -5.13 -2.36 41.36
C PHE C 214 -5.89 -3.00 42.51
N ASN C 215 -6.53 -2.17 43.32
CA ASN C 215 -7.39 -2.62 44.40
C ASN C 215 -8.84 -2.34 44.04
N ARG C 216 -9.66 -3.39 44.05
CA ARG C 216 -11.08 -3.29 43.69
C ARG C 216 -11.85 -2.27 44.56
N ASN C 217 -11.50 -2.15 45.83
CA ASN C 217 -12.14 -1.18 46.75
C ASN C 217 -11.75 0.29 46.50
N GLU C 218 -10.58 0.52 45.91
CA GLU C 218 -10.16 1.85 45.48
C GLU C 218 -10.77 2.28 44.12
N CYS C 219 -11.43 1.37 43.41
CA CYS C 219 -12.20 1.72 42.19
C CYS C 219 -13.46 2.49 42.58
N ASP D 1 -0.52 38.72 4.56
CA ASP D 1 -0.45 37.24 4.65
C ASP D 1 0.91 36.78 5.17
N VAL D 2 0.93 35.66 5.86
CA VAL D 2 2.19 35.09 6.32
C VAL D 2 2.89 34.44 5.14
N LEU D 3 4.12 34.88 4.87
CA LEU D 3 4.92 34.33 3.82
C LEU D 3 5.75 33.21 4.42
N MET D 4 5.70 32.03 3.82
CA MET D 4 6.49 30.87 4.25
C MET D 4 7.59 30.64 3.23
N THR D 5 8.85 30.77 3.65
CA THR D 5 9.99 30.65 2.75
C THR D 5 10.82 29.45 3.08
N GLN D 6 10.93 28.54 2.11
CA GLN D 6 11.71 27.31 2.28
C GLN D 6 13.07 27.39 1.65
N THR D 7 14.04 26.77 2.30
CA THR D 7 15.39 26.64 1.77
C THR D 7 15.96 25.27 2.15
N PRO D 8 16.73 24.65 1.25
CA PRO D 8 16.98 25.12 -0.12
C PRO D 8 15.81 24.76 -1.06
N LEU D 9 15.89 25.21 -2.31
CA LEU D 9 14.91 24.83 -3.31
C LEU D 9 15.03 23.35 -3.68
N SER D 10 16.27 22.88 -3.74
CA SER D 10 16.60 21.53 -4.13
C SER D 10 17.70 21.03 -3.21
N LEU D 11 17.61 19.76 -2.80
CA LEU D 11 18.52 19.19 -1.79
C LEU D 11 18.93 17.76 -2.18
N PRO D 12 20.17 17.58 -2.69
CA PRO D 12 20.68 16.21 -2.93
C PRO D 12 21.21 15.57 -1.65
N VAL D 13 20.97 14.27 -1.48
CA VAL D 13 21.36 13.53 -0.27
C VAL D 13 21.69 12.10 -0.63
N SER D 14 22.73 11.52 -0.01
CA SER D 14 23.05 10.11 -0.19
C SER D 14 22.16 9.24 0.65
N LEU D 15 21.94 8.00 0.20
CA LEU D 15 21.21 7.02 0.99
C LEU D 15 21.87 6.84 2.36
N GLY D 16 21.04 6.78 3.41
CA GLY D 16 21.52 6.66 4.79
C GLY D 16 21.94 7.94 5.50
N ASP D 17 22.14 9.04 4.77
CA ASP D 17 22.49 10.33 5.36
C ASP D 17 21.27 11.10 5.82
N GLN D 18 21.52 12.24 6.46
CA GLN D 18 20.47 13.09 6.98
C GLN D 18 20.24 14.31 6.08
N ALA D 19 18.95 14.63 5.85
CA ALA D 19 18.58 15.82 5.11
C ALA D 19 17.95 16.80 6.07
N SER D 20 18.29 18.07 5.92
CA SER D 20 17.73 19.13 6.74
C SER D 20 17.11 20.23 5.84
N ILE D 21 15.85 20.55 6.14
CA ILE D 21 15.06 21.48 5.35
C ILE D 21 14.54 22.56 6.27
N SER D 22 14.69 23.82 5.83
CA SER D 22 14.29 24.99 6.59
C SER D 22 13.01 25.66 6.05
N CYS D 23 12.19 26.14 6.98
CA CYS D 23 10.98 26.90 6.65
C CYS D 23 10.93 28.08 7.60
N ARG D 24 10.91 29.29 7.06
CA ARG D 24 10.87 30.51 7.86
C ARG D 24 9.58 31.22 7.54
N SER D 25 8.91 31.71 8.58
CA SER D 25 7.67 32.46 8.44
C SER D 25 7.99 33.95 8.57
N SER D 26 7.26 34.78 7.84
CA SER D 26 7.51 36.23 7.85
C SER D 26 7.05 36.91 9.15
N GLN D 27 6.24 36.24 9.96
CA GLN D 27 5.82 36.69 11.27
C GLN D 27 5.56 35.45 12.12
N THR D 28 5.30 35.64 13.41
CA THR D 28 4.99 34.52 14.29
C THR D 28 3.66 33.89 13.90
N ILE D 29 3.51 32.62 14.25
CA ILE D 29 2.37 31.79 13.82
C ILE D 29 1.76 31.02 14.99
N VAL D 30 1.45 31.78 16.04
CA VAL D 30 0.76 31.23 17.19
C VAL D 30 -0.73 31.53 17.01
N HIS D 31 -1.54 30.49 16.86
CA HIS D 31 -3.01 30.61 16.78
C HIS D 31 -3.52 31.20 18.09
N LYS D 32 -4.68 31.85 18.05
CA LYS D 32 -5.27 32.39 19.30
C LYS D 32 -5.58 31.34 20.38
N ASN D 33 -5.68 30.06 20.00
CA ASN D 33 -5.93 28.97 20.93
C ASN D 33 -4.63 28.46 21.55
N GLY D 34 -3.50 29.04 21.16
CA GLY D 34 -2.21 28.74 21.77
C GLY D 34 -1.35 27.79 20.97
N ASN D 35 -1.95 27.05 20.04
CA ASN D 35 -1.22 26.09 19.22
C ASN D 35 -0.47 26.77 18.08
N THR D 36 0.67 26.19 17.71
CA THR D 36 1.43 26.62 16.55
C THR D 36 1.18 25.58 15.45
N TYR D 37 0.31 25.93 14.50
CA TYR D 37 -0.08 25.00 13.46
C TYR D 37 0.90 25.01 12.29
N LEU D 38 2.11 24.55 12.55
CA LEU D 38 3.11 24.37 11.52
C LEU D 38 3.08 22.91 11.15
N GLU D 39 2.81 22.62 9.88
CA GLU D 39 2.77 21.26 9.37
C GLU D 39 3.77 21.05 8.24
N TRP D 40 4.31 19.85 8.15
CA TRP D 40 5.18 19.42 7.07
C TRP D 40 4.51 18.32 6.26
N TYR D 41 4.51 18.46 4.93
CA TYR D 41 3.94 17.55 3.95
C TYR D 41 5.02 17.03 3.02
N LEU D 42 4.87 15.79 2.56
CA LEU D 42 5.67 15.24 1.46
C LEU D 42 4.75 14.87 0.32
N GLN D 43 5.09 15.35 -0.88
CA GLN D 43 4.41 14.98 -2.09
C GLN D 43 5.34 14.11 -2.95
N LYS D 44 5.06 12.82 -2.99
CA LYS D 44 5.83 11.88 -3.82
C LYS D 44 5.39 12.00 -5.28
N PRO D 45 6.28 11.64 -6.24
CA PRO D 45 5.87 11.70 -7.66
C PRO D 45 4.57 10.95 -7.93
N GLY D 46 3.64 11.63 -8.60
CA GLY D 46 2.34 11.06 -8.96
C GLY D 46 1.30 11.01 -7.85
N GLN D 47 1.61 11.56 -6.67
CA GLN D 47 0.71 11.48 -5.51
C GLN D 47 0.31 12.86 -5.01
N SER D 48 -0.71 12.86 -4.16
CA SER D 48 -1.11 14.03 -3.36
C SER D 48 -0.11 14.22 -2.21
N PRO D 49 0.01 15.44 -1.69
CA PRO D 49 0.76 15.63 -0.44
C PRO D 49 0.21 14.78 0.71
N LYS D 50 1.10 14.34 1.60
CA LYS D 50 0.75 13.56 2.78
C LYS D 50 1.38 14.18 4.00
N LEU D 51 0.61 14.25 5.09
CA LEU D 51 1.08 14.82 6.34
C LEU D 51 2.18 13.98 7.00
N LEU D 52 3.28 14.65 7.33
CA LEU D 52 4.36 14.04 8.12
C LEU D 52 4.36 14.50 9.57
N ILE D 53 4.34 15.81 9.79
CA ILE D 53 4.52 16.42 11.10
C ILE D 53 3.40 17.46 11.28
N TYR D 54 2.81 17.50 12.46
CA TYR D 54 1.80 18.51 12.82
C TYR D 54 2.20 19.20 14.12
N LYS D 55 1.64 20.39 14.34
CA LYS D 55 1.99 21.24 15.48
C LYS D 55 3.49 21.27 15.75
N VAL D 56 4.23 21.59 14.69
CA VAL D 56 5.69 21.82 14.73
C VAL D 56 6.53 20.56 14.83
N SER D 57 6.24 19.74 15.85
CA SER D 57 7.15 18.67 16.24
C SER D 57 6.49 17.32 16.53
N ASN D 58 5.22 17.17 16.16
CA ASN D 58 4.51 15.92 16.40
C ASN D 58 4.43 15.07 15.15
N ARG D 59 4.92 13.84 15.24
CA ARG D 59 4.87 12.95 14.09
C ARG D 59 3.48 12.41 13.98
N PHE D 60 2.90 12.50 12.78
CA PHE D 60 1.57 12.00 12.58
C PHE D 60 1.59 10.50 12.67
N SER D 61 0.54 9.93 13.24
CA SER D 61 0.43 8.48 13.45
C SER D 61 0.77 7.74 12.17
N GLY D 62 1.73 6.82 12.26
CA GLY D 62 2.15 6.02 11.09
C GLY D 62 3.37 6.52 10.33
N VAL D 63 3.81 7.74 10.61
CA VAL D 63 4.96 8.30 9.94
C VAL D 63 6.20 7.72 10.61
N PRO D 64 7.19 7.24 9.82
CA PRO D 64 8.45 6.72 10.35
C PRO D 64 9.21 7.66 11.29
N ASP D 65 9.90 7.10 12.28
CA ASP D 65 10.69 7.86 13.27
C ASP D 65 11.83 8.70 12.69
N ARG D 66 12.22 8.38 11.45
CA ARG D 66 13.23 9.11 10.68
C ARG D 66 12.87 10.58 10.38
N PHE D 67 11.58 10.93 10.42
CA PHE D 67 11.14 12.30 10.15
C PHE D 67 10.94 13.01 11.47
N SER D 68 11.57 14.16 11.63
CA SER D 68 11.48 14.95 12.87
C SER D 68 11.34 16.43 12.57
N GLY D 69 10.41 17.07 13.27
CA GLY D 69 10.12 18.50 13.11
C GLY D 69 10.54 19.24 14.36
N SER D 70 11.08 20.44 14.19
CA SER D 70 11.45 21.28 15.32
C SER D 70 11.38 22.76 14.96
N GLY D 71 11.60 23.60 15.96
CA GLY D 71 11.69 25.05 15.78
C GLY D 71 10.69 25.82 16.62
N SER D 72 10.75 27.13 16.49
CA SER D 72 9.89 28.05 17.24
C SER D 72 9.98 29.44 16.64
N GLY D 73 9.03 30.28 17.01
CA GLY D 73 9.01 31.66 16.57
C GLY D 73 8.72 31.72 15.08
N THR D 74 9.77 31.99 14.31
CA THR D 74 9.70 32.12 12.87
C THR D 74 10.63 31.16 12.12
N ASP D 75 11.25 30.20 12.83
CA ASP D 75 12.29 29.32 12.26
C ASP D 75 11.97 27.87 12.55
N PHE D 76 11.69 27.11 11.50
CA PHE D 76 11.29 25.71 11.61
C PHE D 76 12.13 24.85 10.71
N THR D 77 12.31 23.60 11.14
CA THR D 77 13.20 22.66 10.47
C THR D 77 12.57 21.27 10.41
N LEU D 78 12.67 20.63 9.25
CA LEU D 78 12.39 19.21 9.12
C LEU D 78 13.69 18.49 8.89
N LYS D 79 13.97 17.46 9.69
CA LYS D 79 15.11 16.60 9.48
C LYS D 79 14.65 15.22 9.11
N ILE D 80 15.26 14.66 8.06
CA ILE D 80 15.00 13.30 7.62
C ILE D 80 16.27 12.49 7.84
N SER D 81 16.26 11.60 8.81
CA SER D 81 17.41 10.72 9.09
C SER D 81 17.38 9.48 8.23
N ARG D 82 18.56 8.89 8.01
CA ARG D 82 18.68 7.59 7.36
C ARG D 82 17.83 7.54 6.07
N VAL D 83 18.08 8.52 5.20
CA VAL D 83 17.28 8.75 3.99
C VAL D 83 17.20 7.47 3.16
N GLU D 84 15.98 7.17 2.70
CA GLU D 84 15.71 6.05 1.81
C GLU D 84 15.27 6.59 0.45
N ALA D 85 15.43 5.79 -0.59
CA ALA D 85 15.03 6.21 -1.96
C ALA D 85 13.57 6.64 -2.03
N ALA D 86 12.72 5.98 -1.25
CA ALA D 86 11.30 6.30 -1.21
C ALA D 86 10.94 7.65 -0.56
N ASP D 87 11.91 8.31 0.08
CA ASP D 87 11.69 9.66 0.66
C ASP D 87 11.75 10.78 -0.37
N LEU D 88 12.09 10.49 -1.64
CA LEU D 88 12.24 11.57 -2.59
C LEU D 88 10.87 12.18 -2.92
N GLY D 89 10.94 13.42 -3.35
CA GLY D 89 9.73 14.16 -3.68
C GLY D 89 9.86 15.58 -3.21
N VAL D 90 8.74 16.28 -3.10
CA VAL D 90 8.76 17.67 -2.74
C VAL D 90 8.14 17.82 -1.33
N TYR D 91 8.91 18.44 -0.43
CA TYR D 91 8.50 18.69 0.95
C TYR D 91 8.00 20.12 1.07
N TYR D 92 6.84 20.30 1.71
CA TYR D 92 6.23 21.61 1.90
C TYR D 92 5.96 21.86 3.35
N CYS D 93 6.22 23.06 3.83
CA CYS D 93 5.69 23.49 5.12
C CYS D 93 4.38 24.24 4.90
N PHE D 94 3.62 24.38 5.98
CA PHE D 94 2.27 24.97 5.95
C PHE D 94 2.01 25.61 7.30
N GLN D 95 1.48 26.84 7.31
CA GLN D 95 1.00 27.43 8.56
C GLN D 95 -0.50 27.55 8.52
N GLY D 96 -1.14 27.08 9.59
CA GLY D 96 -2.59 27.16 9.75
C GLY D 96 -2.98 27.97 10.99
N SER D 97 -2.13 28.94 11.38
CA SER D 97 -2.39 29.74 12.57
C SER D 97 -3.12 31.06 12.27
N HIS D 98 -2.79 31.70 11.15
CA HIS D 98 -3.36 32.98 10.75
C HIS D 98 -3.96 32.89 9.36
N VAL D 99 -5.26 33.17 9.24
CA VAL D 99 -5.93 33.16 7.95
C VAL D 99 -5.40 34.35 7.12
N PRO D 100 -5.13 34.18 5.82
CA PRO D 100 -5.27 32.93 5.07
C PRO D 100 -4.09 31.98 5.32
N TYR D 101 -4.39 30.71 5.44
CA TYR D 101 -3.36 29.74 5.66
C TYR D 101 -2.48 29.66 4.43
N THR D 102 -1.18 29.42 4.64
CA THR D 102 -0.23 29.52 3.53
C THR D 102 0.78 28.37 3.55
N PHE D 103 1.25 28.03 2.35
CA PHE D 103 2.28 27.03 2.15
C PHE D 103 3.62 27.63 1.74
N GLY D 104 4.70 26.97 2.15
CA GLY D 104 5.99 27.18 1.52
C GLY D 104 6.02 26.80 0.06
N GLY D 105 7.08 27.21 -0.64
CA GLY D 105 7.26 26.93 -2.05
C GLY D 105 7.69 25.52 -2.41
N GLY D 106 8.18 24.77 -1.41
CA GLY D 106 8.59 23.40 -1.60
C GLY D 106 10.11 23.27 -1.67
N THR D 107 10.59 22.13 -1.21
CA THR D 107 11.99 21.72 -1.35
C THR D 107 11.99 20.32 -1.96
N LYS D 108 12.66 20.15 -3.10
CA LYS D 108 12.76 18.86 -3.74
C LYS D 108 13.96 18.10 -3.22
N LEU D 109 13.70 16.95 -2.62
CA LEU D 109 14.75 16.06 -2.15
C LEU D 109 15.17 15.18 -3.31
N GLU D 110 16.45 15.20 -3.64
CA GLU D 110 17.01 14.37 -4.69
C GLU D 110 17.95 13.34 -4.08
N ILE D 111 17.88 12.11 -4.54
CA ILE D 111 18.74 11.04 -4.03
C ILE D 111 19.98 10.98 -4.91
N LYS D 112 21.15 10.97 -4.29
CA LYS D 112 22.40 10.72 -5.00
C LYS D 112 22.59 9.23 -5.21
N ARG D 113 23.22 8.90 -6.33
CA ARG D 113 23.59 7.53 -6.61
C ARG D 113 24.74 7.56 -7.60
N ALA D 114 25.27 6.40 -7.94
CA ALA D 114 26.33 6.27 -8.92
C ALA D 114 25.80 6.63 -10.31
N ASP D 115 26.67 7.20 -11.12
CA ASP D 115 26.36 7.51 -12.50
C ASP D 115 25.89 6.28 -13.24
N ALA D 116 24.92 6.46 -14.12
CA ALA D 116 24.37 5.36 -14.93
C ALA D 116 24.04 5.91 -16.31
N ALA D 117 24.51 5.22 -17.34
CA ALA D 117 24.30 5.66 -18.70
C ALA D 117 22.85 5.31 -19.09
N PRO D 118 22.26 6.08 -20.02
CA PRO D 118 20.90 5.77 -20.45
C PRO D 118 20.80 4.50 -21.27
N THR D 119 19.68 3.80 -21.13
CA THR D 119 19.29 2.74 -22.03
C THR D 119 18.43 3.37 -23.10
N VAL D 120 18.94 3.36 -24.33
CA VAL D 120 18.32 4.10 -25.42
C VAL D 120 17.60 3.13 -26.36
N SER D 121 16.33 3.44 -26.68
CA SER D 121 15.52 2.62 -27.56
C SER D 121 14.85 3.55 -28.56
N ILE D 122 14.91 3.17 -29.85
CA ILE D 122 14.27 3.93 -30.93
C ILE D 122 13.16 3.10 -31.57
N PHE D 123 12.07 3.78 -31.94
CA PHE D 123 10.88 3.14 -32.50
C PHE D 123 10.42 3.87 -33.76
N PRO D 124 10.34 3.14 -34.88
CA PRO D 124 9.74 3.74 -36.08
C PRO D 124 8.24 3.97 -35.90
N PRO D 125 7.65 4.80 -36.76
CA PRO D 125 6.21 4.98 -36.77
C PRO D 125 5.46 3.66 -36.83
N SER D 126 4.35 3.59 -36.13
CA SER D 126 3.48 2.42 -36.21
C SER D 126 2.77 2.39 -37.55
N SER D 127 2.42 1.18 -37.99
CA SER D 127 1.66 1.04 -39.22
C SER D 127 0.32 1.79 -39.09
N GLU D 128 -0.30 1.74 -37.90
CA GLU D 128 -1.57 2.42 -37.66
C GLU D 128 -1.46 3.93 -37.84
N GLN D 129 -0.39 4.52 -37.32
CA GLN D 129 -0.20 5.96 -37.49
C GLN D 129 0.06 6.33 -38.96
N LEU D 130 0.91 5.56 -39.63
CA LEU D 130 1.20 5.78 -41.06
C LEU D 130 -0.09 5.75 -41.89
N THR D 131 -1.00 4.84 -41.57
CA THR D 131 -2.30 4.77 -42.25
C THR D 131 -3.10 6.06 -42.09
N SER D 132 -3.04 6.70 -40.92
CA SER D 132 -3.70 8.00 -40.72
C SER D 132 -2.96 9.22 -41.32
N GLY D 133 -1.78 9.02 -41.92
CA GLY D 133 -1.01 10.10 -42.56
C GLY D 133 0.07 10.76 -41.71
N GLY D 134 0.28 10.29 -40.48
CA GLY D 134 1.35 10.80 -39.60
C GLY D 134 2.52 9.84 -39.44
N ALA D 135 3.62 10.36 -38.90
CA ALA D 135 4.81 9.57 -38.66
C ALA D 135 5.61 10.13 -37.49
N SER D 136 5.44 9.51 -36.32
CA SER D 136 6.19 9.87 -35.15
C SER D 136 7.25 8.84 -34.92
N VAL D 137 8.47 9.31 -34.73
CA VAL D 137 9.58 8.47 -34.38
C VAL D 137 9.86 8.73 -32.89
N VAL D 138 9.88 7.68 -32.08
CA VAL D 138 10.02 7.82 -30.61
C VAL D 138 11.35 7.25 -30.13
N CYS D 139 11.99 7.99 -29.25
CA CYS D 139 13.20 7.59 -28.62
C CYS D 139 13.01 7.67 -27.09
N PHE D 140 13.26 6.57 -26.38
CA PHE D 140 13.28 6.56 -24.93
C PHE D 140 14.74 6.51 -24.48
N LEU D 141 15.05 7.32 -23.49
CA LEU D 141 16.36 7.33 -22.85
C LEU D 141 16.11 7.07 -21.38
N ASN D 142 16.31 5.83 -20.95
CA ASN D 142 15.78 5.39 -19.65
C ASN D 142 16.83 5.04 -18.62
N ASN D 143 16.48 5.35 -17.38
CA ASN D 143 17.21 4.92 -16.17
C ASN D 143 18.66 5.39 -16.15
N PHE D 144 18.84 6.69 -16.26
CA PHE D 144 20.16 7.32 -16.25
C PHE D 144 20.34 8.21 -15.04
N TYR D 145 21.60 8.53 -14.75
CA TYR D 145 21.93 9.42 -13.64
C TYR D 145 23.32 9.97 -13.92
N PRO D 146 23.56 11.27 -13.74
CA PRO D 146 22.63 12.27 -13.22
C PRO D 146 21.61 12.76 -14.25
N LYS D 147 20.76 13.69 -13.85
CA LYS D 147 19.57 14.03 -14.63
C LYS D 147 19.83 14.79 -15.93
N ASP D 148 20.98 15.45 -16.04
CA ASP D 148 21.24 16.28 -17.21
C ASP D 148 21.58 15.40 -18.41
N ILE D 149 20.92 15.67 -19.52
CA ILE D 149 21.08 14.89 -20.73
C ILE D 149 20.63 15.70 -21.94
N ASN D 150 21.19 15.39 -23.10
CA ASN D 150 20.75 16.03 -24.34
C ASN D 150 20.52 14.99 -25.40
N VAL D 151 19.51 15.26 -26.23
CA VAL D 151 19.15 14.39 -27.33
C VAL D 151 19.21 15.16 -28.64
N LYS D 152 19.79 14.52 -29.65
CA LYS D 152 19.84 15.07 -31.00
C LYS D 152 19.24 14.07 -31.98
N TRP D 153 18.41 14.56 -32.89
CA TRP D 153 17.90 13.76 -33.98
C TRP D 153 18.68 14.03 -35.26
N LYS D 154 19.00 12.97 -36.01
CA LYS D 154 19.58 13.10 -37.36
C LYS D 154 18.77 12.30 -38.35
N ILE D 155 18.47 12.93 -39.49
CA ILE D 155 17.77 12.30 -40.60
C ILE D 155 18.77 12.26 -41.77
N ASP D 156 19.11 11.06 -42.22
CA ASP D 156 20.15 10.87 -43.25
C ASP D 156 21.40 11.70 -42.93
N GLY D 157 21.83 11.63 -41.67
CA GLY D 157 23.03 12.31 -41.20
C GLY D 157 22.93 13.80 -40.86
N SER D 158 21.81 14.45 -41.18
CA SER D 158 21.63 15.87 -40.93
C SER D 158 20.76 16.10 -39.70
N GLU D 159 21.20 16.97 -38.82
CA GLU D 159 20.45 17.32 -37.61
C GLU D 159 19.06 17.87 -37.95
N ARG D 160 18.05 17.38 -37.23
CA ARG D 160 16.66 17.78 -37.38
C ARG D 160 16.19 18.35 -36.03
N GLN D 161 15.78 19.61 -36.04
CA GLN D 161 15.39 20.37 -34.85
C GLN D 161 13.88 20.52 -34.71
N ASN D 162 13.23 20.87 -35.82
CA ASN D 162 11.81 21.07 -35.80
C ASN D 162 11.04 19.78 -35.61
N GLY D 163 9.96 19.90 -34.85
CA GLY D 163 9.00 18.84 -34.66
C GLY D 163 9.33 17.90 -33.51
N VAL D 164 10.29 18.26 -32.67
CA VAL D 164 10.75 17.38 -31.59
C VAL D 164 10.07 17.79 -30.29
N LEU D 165 9.44 16.84 -29.61
CA LEU D 165 8.84 17.08 -28.28
C LEU D 165 9.46 16.14 -27.26
N ASN D 166 9.93 16.72 -26.16
CA ASN D 166 10.66 16.03 -25.15
C ASN D 166 9.89 16.04 -23.84
N SER D 167 10.09 15.00 -23.04
CA SER D 167 9.43 14.92 -21.76
C SER D 167 10.33 14.15 -20.80
N TRP D 168 10.28 14.53 -19.53
CA TRP D 168 11.21 14.02 -18.52
C TRP D 168 10.43 13.52 -17.29
N THR D 169 10.80 12.35 -16.76
CA THR D 169 10.16 11.84 -15.54
C THR D 169 10.79 12.52 -14.33
N ASP D 170 10.07 12.44 -13.21
CA ASP D 170 10.65 12.75 -11.90
C ASP D 170 11.62 11.62 -11.57
N GLN D 171 12.41 11.82 -10.52
CA GLN D 171 13.31 10.76 -10.09
C GLN D 171 12.55 9.50 -9.67
N ASP D 172 13.09 8.35 -10.03
CA ASP D 172 12.45 7.07 -9.76
C ASP D 172 12.73 6.63 -8.32
N SER D 173 11.68 6.32 -7.57
CA SER D 173 11.84 5.91 -6.17
C SER D 173 12.42 4.50 -5.94
N LYS D 174 12.50 3.67 -6.97
CA LYS D 174 13.09 2.33 -6.84
C LYS D 174 14.61 2.38 -7.00
N ASP D 175 15.08 3.04 -8.06
CA ASP D 175 16.51 3.01 -8.39
C ASP D 175 17.17 4.39 -8.45
N SER D 176 16.44 5.46 -8.10
CA SER D 176 16.98 6.82 -8.06
C SER D 176 17.48 7.35 -9.42
N THR D 177 16.98 6.80 -10.52
CA THR D 177 17.37 7.27 -11.85
C THR D 177 16.32 8.20 -12.47
N TYR D 178 16.68 8.76 -13.60
CA TYR D 178 15.82 9.63 -14.42
C TYR D 178 15.57 9.01 -15.78
N SER D 179 14.46 9.38 -16.42
CA SER D 179 14.19 8.94 -17.79
C SER D 179 13.66 10.10 -18.64
N MET D 180 13.79 9.93 -19.96
CA MET D 180 13.40 10.96 -20.91
C MET D 180 12.82 10.31 -22.16
N SER D 181 11.79 10.93 -22.72
CA SER D 181 11.20 10.55 -23.99
C SER D 181 11.43 11.70 -24.99
N SER D 182 11.78 11.37 -26.23
CA SER D 182 11.90 12.36 -27.30
C SER D 182 11.15 11.85 -28.51
N THR D 183 10.24 12.65 -29.03
CA THR D 183 9.40 12.24 -30.13
C THR D 183 9.54 13.22 -31.29
N LEU D 184 9.99 12.70 -32.43
CA LEU D 184 10.09 13.47 -33.66
C LEU D 184 8.85 13.20 -34.49
N THR D 185 8.03 14.22 -34.74
CA THR D 185 6.82 14.02 -35.54
C THR D 185 6.97 14.69 -36.92
N LEU D 186 6.72 13.89 -37.95
CA LEU D 186 6.75 14.28 -39.36
C LEU D 186 5.43 13.88 -39.97
N THR D 187 5.19 14.32 -41.20
CA THR D 187 4.10 13.76 -42.00
C THR D 187 4.63 12.45 -42.60
N LYS D 188 3.72 11.56 -42.97
CA LYS D 188 4.08 10.33 -43.65
C LYS D 188 4.94 10.64 -44.88
N ASP D 189 4.54 11.65 -45.66
CA ASP D 189 5.30 12.00 -46.85
C ASP D 189 6.72 12.46 -46.57
N GLU D 190 6.91 13.30 -45.55
CA GLU D 190 8.28 13.71 -45.13
C GLU D 190 9.06 12.48 -44.70
N TYR D 191 8.44 11.67 -43.86
CA TYR D 191 9.06 10.45 -43.36
C TYR D 191 9.55 9.54 -44.48
N GLU D 192 8.70 9.35 -45.49
CA GLU D 192 9.02 8.47 -46.61
C GLU D 192 10.03 9.05 -47.62
N ARG D 193 10.37 10.34 -47.49
CA ARG D 193 11.44 10.98 -48.29
C ARG D 193 12.85 10.58 -47.86
N HIS D 194 13.00 10.09 -46.63
CA HIS D 194 14.33 9.81 -46.06
C HIS D 194 14.44 8.38 -45.60
N ASN D 195 15.68 7.97 -45.35
CA ASN D 195 15.96 6.59 -44.99
C ASN D 195 16.45 6.39 -43.54
N SER D 196 17.53 7.06 -43.17
CA SER D 196 18.19 6.84 -41.88
C SER D 196 17.61 7.77 -40.82
N TYR D 197 17.17 7.21 -39.69
CA TYR D 197 16.65 7.98 -38.54
C TYR D 197 17.45 7.62 -37.30
N THR D 198 18.01 8.65 -36.64
CA THR D 198 18.95 8.45 -35.56
C THR D 198 18.60 9.34 -34.34
N CYS D 199 18.58 8.70 -33.16
CA CYS D 199 18.47 9.34 -31.86
C CYS D 199 19.86 9.28 -31.22
N GLU D 200 20.44 10.44 -30.92
CA GLU D 200 21.76 10.50 -30.27
C GLU D 200 21.68 11.13 -28.88
N ALA D 201 22.11 10.39 -27.86
CA ALA D 201 22.10 10.88 -26.48
C ALA D 201 23.51 11.26 -26.02
N THR D 202 23.64 12.46 -25.45
CA THR D 202 24.87 12.90 -24.82
C THR D 202 24.64 13.03 -23.31
N HIS D 203 25.44 12.29 -22.55
CA HIS D 203 25.33 12.19 -21.11
C HIS D 203 26.75 12.12 -20.55
N LYS D 204 26.96 12.57 -19.31
CA LYS D 204 28.34 12.62 -18.76
C LYS D 204 29.02 11.25 -18.61
N THR D 205 28.26 10.16 -18.65
CA THR D 205 28.79 8.79 -18.59
C THR D 205 29.60 8.33 -19.81
N SER D 206 29.46 8.99 -20.96
CA SER D 206 30.34 8.69 -22.10
C SER D 206 30.78 9.96 -22.80
N THR D 207 32.01 9.94 -23.30
CA THR D 207 32.55 11.03 -24.10
C THR D 207 31.88 11.04 -25.48
N SER D 208 31.60 9.86 -26.04
CA SER D 208 30.88 9.73 -27.30
C SER D 208 29.36 9.61 -27.07
N PRO D 209 28.55 10.18 -27.99
CA PRO D 209 27.11 10.00 -27.82
C PRO D 209 26.68 8.53 -27.96
N ILE D 210 25.57 8.19 -27.31
CA ILE D 210 24.93 6.89 -27.48
C ILE D 210 23.96 7.02 -28.64
N VAL D 211 24.12 6.16 -29.63
CA VAL D 211 23.43 6.27 -30.91
C VAL D 211 22.55 5.05 -31.11
N LYS D 212 21.28 5.30 -31.40
CA LYS D 212 20.38 4.26 -31.86
C LYS D 212 19.76 4.74 -33.14
N SER D 213 19.63 3.83 -34.09
CA SER D 213 19.20 4.21 -35.42
C SER D 213 18.41 3.10 -36.08
N PHE D 214 17.65 3.48 -37.09
CA PHE D 214 17.11 2.51 -38.04
C PHE D 214 17.06 3.11 -39.43
N ASN D 215 17.01 2.21 -40.42
CA ASN D 215 16.85 2.60 -41.83
C ASN D 215 15.46 2.18 -42.27
N ARG D 216 14.68 3.14 -42.76
CA ARG D 216 13.29 2.91 -43.15
C ARG D 216 13.16 1.81 -44.24
N ASN D 217 14.11 1.74 -45.18
CA ASN D 217 14.03 0.71 -46.23
C ASN D 217 14.54 -0.67 -45.80
N GLU D 218 15.30 -0.74 -44.70
CA GLU D 218 15.64 -2.03 -44.06
C GLU D 218 14.51 -2.59 -43.17
N CYS D 219 13.44 -1.81 -42.93
CA CYS D 219 12.26 -2.30 -42.22
C CYS D 219 11.49 -3.33 -43.06
#